data_7ZQK
#
_entry.id   7ZQK
#
_cell.length_a   143.340
_cell.length_b   147.100
_cell.length_c   75.160
_cell.angle_alpha   90.000
_cell.angle_beta   90.000
_cell.angle_gamma   90.000
#
_symmetry.space_group_name_H-M   'C 2 2 2'
#
loop_
_entity.id
_entity.type
_entity.pdbx_description
1 polymer 'Glyceraldehyde-3-phosphate dehydrogenase A, chloroplastic'
2 non-polymer NICOTINAMIDE-ADENINE-DINUCLEOTIDE
3 non-polymer 'SULFATE ION'
4 water water
#
_entity_poly.entity_id   1
_entity_poly.type   'polypeptide(L)'
_entity_poly.pdbx_seq_one_letter_code
;MHHHHHHMEKKIRVAINGFGRIGRNFLRCWHGRQNTLLDVVAINDSGGVKQASHLLKYDSTLGTFAADVKIVDDSHISVD
GKQIKIVSSRDPLQLPWKEMNIDLVIEGTGVFIDKVGAGKHIQAGASKVLITAPAKDKDIPTFVVGVNEGDYKHEYPIIS
NASCTTNCLAPFVKVLEQKFGIVKGTMTTTHSYTGDQRLLDASHRDLRRARAAALNIVPTTTGAAKAVSLVLPSLKGKLN
GIALRVPTPTVSVVDLVVQVEKKTFAEEVNAAFREAANGPMKGVLHVEDAPLVSIDFKCTDQSTSIDASLTMVMGDDMVK
VVAWYDNEWGYSQRVVDLAEVTAKKWVA
;
_entity_poly.pdbx_strand_id   O,R
#
# COMPACT_ATOMS: atom_id res chain seq x y z
N LYS A 10 41.99 -2.93 -4.15
CA LYS A 10 41.65 -1.72 -3.35
C LYS A 10 40.15 -1.42 -3.51
N LYS A 11 39.37 -1.68 -2.43
CA LYS A 11 37.88 -1.59 -2.44
C LYS A 11 37.43 -0.13 -2.58
N ILE A 12 36.19 0.07 -3.01
CA ILE A 12 35.61 1.44 -3.14
C ILE A 12 34.50 1.61 -2.10
N ARG A 13 34.37 2.83 -1.57
CA ARG A 13 33.41 3.20 -0.50
C ARG A 13 32.06 3.54 -1.12
N VAL A 14 30.99 2.86 -0.66
CA VAL A 14 29.63 3.01 -1.23
C VAL A 14 28.66 3.58 -0.18
N ALA A 15 27.71 4.39 -0.65
CA ALA A 15 26.55 4.93 0.09
C ALA A 15 25.26 4.47 -0.60
N ILE A 16 24.22 4.14 0.16
CA ILE A 16 22.93 3.69 -0.46
C ILE A 16 21.91 4.78 -0.20
N ASN A 17 21.38 5.37 -1.26
CA ASN A 17 20.38 6.44 -1.10
C ASN A 17 19.01 5.84 -1.37
N GLY A 18 18.21 5.69 -0.32
CA GLY A 18 16.87 5.11 -0.37
C GLY A 18 16.91 3.66 0.04
N PHE A 19 16.70 3.39 1.34
CA PHE A 19 16.76 2.03 1.92
C PHE A 19 15.35 1.40 1.73
N GLY A 20 14.94 1.25 0.47
CA GLY A 20 13.63 0.69 0.11
C GLY A 20 13.75 -0.77 -0.23
N ARG A 21 12.80 -1.29 -1.02
CA ARG A 21 12.90 -2.69 -1.50
C ARG A 21 14.24 -2.86 -2.21
N ILE A 22 14.63 -1.90 -3.06
CA ILE A 22 15.89 -2.00 -3.84
C ILE A 22 17.10 -1.79 -2.91
N GLY A 23 17.11 -0.78 -2.08
CA GLY A 23 18.29 -0.52 -1.24
C GLY A 23 18.63 -1.70 -0.34
N ARG A 24 17.61 -2.34 0.25
CA ARG A 24 17.78 -3.42 1.25
C ARG A 24 18.22 -4.70 0.54
N ASN A 25 17.60 -4.98 -0.62
CA ASN A 25 17.95 -6.14 -1.48
C ASN A 25 19.41 -5.97 -1.91
N PHE A 26 19.84 -4.75 -2.25
CA PHE A 26 21.24 -4.47 -2.66
C PHE A 26 22.20 -4.84 -1.51
N LEU A 27 21.89 -4.43 -0.28
CA LEU A 27 22.76 -4.72 0.90
C LEU A 27 22.87 -6.24 1.07
N ARG A 28 21.76 -6.98 1.11
CA ARG A 28 21.78 -8.46 1.32
C ARG A 28 22.42 -9.17 0.11
N CYS A 29 22.20 -8.65 -1.10
CA CYS A 29 22.85 -9.24 -2.30
C CYS A 29 24.36 -9.12 -2.12
N TRP A 30 24.85 -7.91 -1.90
CA TRP A 30 26.30 -7.56 -1.73
C TRP A 30 26.91 -8.34 -0.57
N HIS A 31 26.23 -8.32 0.58
CA HIS A 31 26.71 -8.97 1.84
C HIS A 31 26.98 -10.46 1.61
N GLY A 32 26.18 -11.08 0.74
CA GLY A 32 26.26 -12.53 0.45
C GLY A 32 27.28 -12.87 -0.63
N ARG A 33 28.00 -11.87 -1.17
CA ARG A 33 29.04 -12.12 -2.20
C ARG A 33 30.34 -12.55 -1.51
N GLN A 34 30.91 -13.65 -2.00
CA GLN A 34 32.18 -14.23 -1.49
C GLN A 34 33.32 -13.22 -1.64
N ASN A 35 33.50 -12.63 -2.82
CA ASN A 35 34.56 -11.62 -3.07
C ASN A 35 33.94 -10.39 -3.72
N THR A 36 34.23 -9.20 -3.18
CA THR A 36 33.65 -7.93 -3.67
C THR A 36 34.71 -6.82 -3.56
N LEU A 37 34.60 -5.80 -4.41
CA LEU A 37 35.46 -4.57 -4.36
C LEU A 37 34.64 -3.41 -3.82
N LEU A 38 33.49 -3.71 -3.22
CA LEU A 38 32.64 -2.65 -2.62
C LEU A 38 32.73 -2.75 -1.09
N ASP A 39 32.58 -1.61 -0.41
CA ASP A 39 32.52 -1.57 1.07
C ASP A 39 31.48 -0.52 1.41
N VAL A 40 30.27 -0.98 1.77
CA VAL A 40 29.13 -0.07 2.06
C VAL A 40 29.38 0.55 3.43
N VAL A 41 29.34 1.87 3.51
CA VAL A 41 29.73 2.60 4.75
C VAL A 41 28.55 3.45 5.23
N ALA A 42 27.57 3.69 4.38
CA ALA A 42 26.51 4.68 4.69
C ALA A 42 25.23 4.35 3.93
N ILE A 43 24.13 4.85 4.48
CA ILE A 43 22.73 4.64 4.02
C ILE A 43 21.92 5.87 4.42
N ASN A 44 21.49 6.67 3.46
CA ASN A 44 20.54 7.77 3.75
C ASN A 44 19.18 7.11 3.94
N ASP A 45 18.67 7.07 5.17
CA ASP A 45 17.38 6.41 5.47
C ASP A 45 16.54 7.34 6.33
N SER A 46 15.36 7.69 5.80
CA SER A 46 14.41 8.66 6.42
C SER A 46 13.98 8.17 7.81
N GLY A 47 13.86 6.85 8.01
CA GLY A 47 13.34 6.29 9.26
C GLY A 47 14.42 6.02 10.29
N GLY A 48 15.66 6.46 10.05
CA GLY A 48 16.71 6.39 11.07
C GLY A 48 17.16 4.97 11.33
N VAL A 49 17.97 4.77 12.36
CA VAL A 49 18.56 3.45 12.69
C VAL A 49 17.47 2.43 13.02
N LYS A 50 16.39 2.82 13.70
CA LYS A 50 15.38 1.84 14.19
C LYS A 50 14.72 1.15 13.01
N GLN A 51 14.27 1.91 12.00
CA GLN A 51 13.66 1.38 10.75
C GLN A 51 14.68 0.55 9.98
N ALA A 52 15.83 1.15 9.69
CA ALA A 52 16.83 0.51 8.79
C ALA A 52 17.24 -0.83 9.38
N SER A 53 17.46 -0.90 10.70
CA SER A 53 17.91 -2.14 11.38
C SER A 53 16.80 -3.20 11.39
N HIS A 54 15.56 -2.78 11.63
CA HIS A 54 14.42 -3.74 11.71
C HIS A 54 14.12 -4.33 10.32
N LEU A 55 13.86 -3.45 9.35
CA LEU A 55 13.44 -3.89 7.99
C LEU A 55 14.60 -4.59 7.30
N LEU A 56 15.84 -4.33 7.72
CA LEU A 56 17.00 -5.06 7.15
C LEU A 56 16.96 -6.49 7.65
N LYS A 57 16.65 -6.70 8.94
CA LYS A 57 16.67 -8.04 9.60
C LYS A 57 15.47 -8.90 9.13
N TYR A 58 14.24 -8.37 9.17
CA TYR A 58 12.99 -9.14 8.86
C TYR A 58 12.41 -8.66 7.52
N ASP A 59 11.99 -9.59 6.69
CA ASP A 59 11.53 -9.29 5.30
C ASP A 59 10.44 -10.29 4.89
N SER A 60 9.30 -9.79 4.43
CA SER A 60 8.13 -10.62 4.05
C SER A 60 8.40 -11.46 2.78
N THR A 61 9.27 -11.00 1.88
CA THR A 61 9.60 -11.81 0.67
C THR A 61 10.98 -12.47 0.83
N LEU A 62 12.02 -11.72 1.19
CA LEU A 62 13.40 -12.27 1.34
C LEU A 62 13.48 -13.22 2.55
N GLY A 63 12.64 -13.04 3.56
CA GLY A 63 12.73 -13.79 4.83
C GLY A 63 13.71 -13.13 5.78
N THR A 64 13.99 -13.76 6.92
CA THR A 64 14.89 -13.18 7.95
C THR A 64 16.34 -13.28 7.48
N PHE A 65 17.08 -12.17 7.57
CA PHE A 65 18.53 -12.08 7.25
C PHE A 65 19.29 -12.92 8.28
N ALA A 66 20.13 -13.88 7.86
CA ALA A 66 20.87 -14.76 8.79
C ALA A 66 21.96 -13.96 9.54
N ALA A 67 22.44 -12.87 8.93
CA ALA A 67 23.52 -12.03 9.48
C ALA A 67 23.02 -11.38 10.76
N ASP A 68 23.96 -10.86 11.56
CA ASP A 68 23.66 -10.19 12.83
C ASP A 68 23.50 -8.69 12.61
N VAL A 69 22.30 -8.18 12.85
CA VAL A 69 21.97 -6.74 12.65
C VAL A 69 21.77 -6.14 14.04
N LYS A 70 22.43 -5.01 14.33
CA LYS A 70 22.30 -4.34 15.63
C LYS A 70 22.32 -2.82 15.45
N ILE A 71 21.71 -2.08 16.37
CA ILE A 71 21.81 -0.59 16.44
C ILE A 71 22.93 -0.24 17.44
N VAL A 72 24.05 0.27 16.93
CA VAL A 72 25.24 0.63 17.76
C VAL A 72 24.96 1.96 18.47
N ASP A 73 24.30 2.89 17.81
CA ASP A 73 23.99 4.22 18.39
C ASP A 73 23.00 4.93 17.47
N ASP A 74 22.69 6.19 17.74
CA ASP A 74 21.62 6.92 17.03
C ASP A 74 22.02 7.17 15.56
N SER A 75 23.28 6.96 15.19
CA SER A 75 23.79 7.23 13.81
C SER A 75 24.30 5.96 13.14
N HIS A 76 24.38 4.83 13.85
CA HIS A 76 25.00 3.61 13.28
C HIS A 76 24.17 2.35 13.54
N ILE A 77 24.34 1.39 12.64
CA ILE A 77 23.82 0.00 12.73
C ILE A 77 25.02 -0.91 12.53
N SER A 78 24.90 -2.20 12.85
CA SER A 78 25.96 -3.21 12.64
C SER A 78 25.40 -4.38 11.84
N VAL A 79 26.11 -4.83 10.81
CA VAL A 79 25.76 -6.07 10.07
C VAL A 79 26.92 -7.04 10.23
N ASP A 80 26.73 -8.11 11.02
CA ASP A 80 27.78 -9.13 11.27
C ASP A 80 29.06 -8.43 11.76
N GLY A 81 28.91 -7.36 12.56
CA GLY A 81 30.03 -6.63 13.19
C GLY A 81 30.55 -5.49 12.31
N LYS A 82 30.30 -5.51 11.01
CA LYS A 82 30.68 -4.38 10.12
C LYS A 82 29.78 -3.18 10.40
N GLN A 83 30.35 -2.06 10.84
CA GLN A 83 29.60 -0.82 11.17
C GLN A 83 29.18 -0.09 9.90
N ILE A 84 28.00 0.53 9.92
CA ILE A 84 27.47 1.31 8.77
C ILE A 84 26.87 2.60 9.30
N LYS A 85 27.26 3.72 8.73
CA LYS A 85 26.72 5.03 9.18
C LYS A 85 25.30 5.19 8.61
N ILE A 86 24.34 5.53 9.46
CA ILE A 86 23.00 5.87 8.93
C ILE A 86 22.82 7.36 9.06
N VAL A 87 22.44 8.02 7.97
CA VAL A 87 22.10 9.48 7.96
C VAL A 87 20.67 9.61 7.47
N SER A 88 20.10 10.81 7.57
CA SER A 88 18.72 11.03 7.09
C SER A 88 18.55 12.47 6.61
N SER A 89 18.58 12.68 5.29
CA SER A 89 18.25 13.97 4.64
C SER A 89 17.38 13.68 3.40
N ARG A 90 16.17 14.20 3.37
CA ARG A 90 15.29 14.07 2.18
C ARG A 90 15.96 14.83 1.02
N ASP A 91 16.65 15.94 1.34
CA ASP A 91 17.41 16.79 0.39
C ASP A 91 18.86 16.29 0.31
N PRO A 92 19.28 15.69 -0.82
CA PRO A 92 20.60 15.07 -0.98
C PRO A 92 21.84 15.96 -0.82
N LEU A 93 21.64 17.26 -1.03
CA LEU A 93 22.75 18.25 -0.95
C LEU A 93 23.34 18.28 0.46
N GLN A 94 22.57 17.89 1.49
CA GLN A 94 23.05 17.94 2.89
C GLN A 94 23.79 16.64 3.22
N LEU A 95 23.89 15.69 2.28
CA LEU A 95 24.48 14.36 2.60
C LEU A 95 25.98 14.51 2.75
N PRO A 96 26.58 13.81 3.74
CA PRO A 96 28.00 13.97 4.07
C PRO A 96 28.96 13.18 3.17
N TRP A 97 28.83 13.31 1.86
CA TRP A 97 29.64 12.49 0.90
C TRP A 97 31.11 12.90 0.92
N LYS A 98 31.44 14.19 1.00
CA LYS A 98 32.85 14.67 1.02
C LYS A 98 33.56 14.17 2.28
N GLU A 99 32.96 14.42 3.45
CA GLU A 99 33.53 14.12 4.79
C GLU A 99 33.76 12.62 4.96
N MET A 100 32.89 11.79 4.37
CA MET A 100 33.01 10.31 4.53
C MET A 100 33.78 9.69 3.36
N ASN A 101 34.39 10.53 2.50
CA ASN A 101 35.18 10.10 1.32
C ASN A 101 34.35 9.05 0.56
N ILE A 102 33.16 9.45 0.12
CA ILE A 102 32.22 8.53 -0.59
C ILE A 102 32.56 8.54 -2.07
N ASP A 103 33.10 7.43 -2.56
CA ASP A 103 33.39 7.20 -3.99
C ASP A 103 32.08 7.07 -4.77
N LEU A 104 31.24 6.09 -4.41
CA LEU A 104 30.08 5.68 -5.25
C LEU A 104 28.78 5.65 -4.45
N VAL A 105 27.74 6.22 -5.03
CA VAL A 105 26.37 6.23 -4.47
C VAL A 105 25.50 5.24 -5.26
N ILE A 106 24.62 4.52 -4.58
CA ILE A 106 23.57 3.69 -5.23
C ILE A 106 22.28 4.45 -5.05
N GLU A 107 21.76 5.03 -6.13
CA GLU A 107 20.55 5.89 -6.07
C GLU A 107 19.30 5.03 -6.20
N GLY A 108 18.79 4.52 -5.08
CA GLY A 108 17.62 3.63 -5.06
C GLY A 108 16.36 4.31 -4.56
N THR A 109 16.36 5.63 -4.42
CA THR A 109 15.16 6.39 -3.96
C THR A 109 14.10 6.39 -5.04
N GLY A 110 14.55 6.42 -6.29
CA GLY A 110 13.66 6.56 -7.46
C GLY A 110 13.23 7.99 -7.67
N VAL A 111 13.64 8.94 -6.80
CA VAL A 111 13.27 10.38 -7.03
C VAL A 111 14.43 11.12 -7.70
N PHE A 112 15.68 10.83 -7.34
CA PHE A 112 16.88 11.53 -7.86
C PHE A 112 17.48 10.76 -9.03
N ILE A 113 16.73 10.65 -10.12
CA ILE A 113 17.12 9.76 -11.27
C ILE A 113 17.50 10.58 -12.51
N ASP A 114 17.29 11.90 -12.51
CA ASP A 114 17.78 12.78 -13.62
C ASP A 114 19.18 13.28 -13.25
N LYS A 115 19.84 13.96 -14.18
CA LYS A 115 21.27 14.34 -14.03
C LYS A 115 21.43 15.49 -13.02
N VAL A 116 20.43 16.38 -12.93
CA VAL A 116 20.41 17.51 -11.96
C VAL A 116 20.30 16.93 -10.54
N GLY A 117 19.27 16.14 -10.26
CA GLY A 117 19.04 15.54 -8.93
C GLY A 117 20.16 14.60 -8.52
N ALA A 118 20.59 13.73 -9.45
CA ALA A 118 21.61 12.70 -9.19
C ALA A 118 22.98 13.35 -8.95
N GLY A 119 23.25 14.47 -9.62
CA GLY A 119 24.52 15.23 -9.54
C GLY A 119 24.74 15.74 -8.13
N LYS A 120 23.65 15.98 -7.40
CA LYS A 120 23.68 16.53 -6.02
C LYS A 120 24.55 15.64 -5.12
N HIS A 121 24.52 14.32 -5.32
CA HIS A 121 25.37 13.36 -4.56
C HIS A 121 26.84 13.60 -4.91
N ILE A 122 27.14 13.97 -6.16
CA ILE A 122 28.51 14.34 -6.61
C ILE A 122 28.84 15.69 -5.98
N GLN A 123 27.87 16.60 -6.03
CA GLN A 123 27.96 17.99 -5.53
C GLN A 123 28.27 17.98 -4.03
N ALA A 124 27.71 17.01 -3.30
CA ALA A 124 27.91 16.82 -1.84
C ALA A 124 29.20 16.03 -1.60
N GLY A 125 29.95 15.78 -2.68
CA GLY A 125 31.33 15.24 -2.62
C GLY A 125 31.48 13.81 -3.14
N ALA A 126 30.39 13.12 -3.49
CA ALA A 126 30.48 11.74 -4.03
C ALA A 126 31.15 11.74 -5.42
N SER A 127 31.97 10.73 -5.72
CA SER A 127 32.71 10.57 -7.00
C SER A 127 31.80 10.05 -8.14
N LYS A 128 30.92 9.07 -7.88
CA LYS A 128 30.04 8.45 -8.92
C LYS A 128 28.62 8.19 -8.39
N VAL A 129 27.65 8.03 -9.30
CA VAL A 129 26.23 7.71 -8.97
C VAL A 129 25.79 6.52 -9.84
N LEU A 130 24.99 5.61 -9.27
CA LEU A 130 24.49 4.40 -9.99
C LEU A 130 22.98 4.30 -9.80
N ILE A 131 22.23 4.84 -10.75
CA ILE A 131 20.74 4.88 -10.68
C ILE A 131 20.19 3.45 -10.79
N THR A 132 19.29 3.09 -9.86
CA THR A 132 18.71 1.75 -9.66
C THR A 132 17.42 1.69 -10.49
N ALA A 133 17.38 2.47 -11.58
CA ALA A 133 16.19 2.71 -12.42
C ALA A 133 16.62 3.28 -13.77
N PRO A 134 15.67 3.42 -14.72
CA PRO A 134 15.91 4.20 -15.93
C PRO A 134 16.11 5.67 -15.57
N ALA A 135 17.11 6.33 -16.16
CA ALA A 135 17.30 7.78 -15.97
C ALA A 135 16.22 8.51 -16.75
N LYS A 136 15.89 9.76 -16.37
CA LYS A 136 14.85 10.52 -17.09
C LYS A 136 15.48 11.43 -18.16
N ASP A 137 16.75 11.22 -18.52
CA ASP A 137 17.27 11.95 -19.71
C ASP A 137 18.28 11.07 -20.43
N LYS A 138 18.29 11.22 -21.76
CA LYS A 138 19.05 10.38 -22.73
C LYS A 138 20.54 10.57 -22.49
N ASP A 139 20.92 11.62 -21.76
CA ASP A 139 22.34 12.02 -21.53
C ASP A 139 22.98 11.04 -20.55
N ILE A 140 22.20 10.26 -19.79
CA ILE A 140 22.79 9.33 -18.78
C ILE A 140 22.92 7.93 -19.38
N PRO A 141 24.15 7.40 -19.53
CA PRO A 141 24.37 6.10 -20.18
C PRO A 141 23.74 4.94 -19.41
N THR A 142 23.17 3.98 -20.14
CA THR A 142 22.38 2.90 -19.57
C THR A 142 23.07 1.58 -19.86
N PHE A 143 23.20 0.72 -18.87
CA PHE A 143 23.90 -0.58 -19.02
C PHE A 143 23.05 -1.73 -18.51
N VAL A 144 23.20 -2.87 -19.20
CA VAL A 144 22.60 -4.18 -18.82
C VAL A 144 23.70 -5.23 -18.78
N VAL A 145 23.94 -5.80 -17.62
CA VAL A 145 25.05 -6.77 -17.48
C VAL A 145 24.70 -8.01 -18.30
N GLY A 146 25.67 -8.51 -19.07
CA GLY A 146 25.51 -9.68 -19.96
C GLY A 146 25.10 -9.26 -21.37
N VAL A 147 24.93 -7.96 -21.59
CA VAL A 147 24.53 -7.39 -22.91
C VAL A 147 25.53 -6.30 -23.31
N ASN A 148 25.67 -5.24 -22.52
CA ASN A 148 26.51 -4.08 -22.92
C ASN A 148 27.32 -3.50 -21.76
N GLU A 149 27.68 -4.29 -20.74
CA GLU A 149 28.43 -3.72 -19.59
C GLU A 149 29.87 -3.39 -20.07
N GLY A 150 30.33 -4.06 -21.12
CA GLY A 150 31.66 -3.78 -21.70
C GLY A 150 31.84 -2.32 -22.11
N ASP A 151 30.76 -1.62 -22.44
CA ASP A 151 30.81 -0.25 -23.00
C ASP A 151 30.86 0.80 -21.90
N TYR A 152 30.81 0.40 -20.63
CA TYR A 152 30.89 1.32 -19.49
C TYR A 152 32.34 1.82 -19.40
N LYS A 153 32.49 3.12 -19.21
CA LYS A 153 33.80 3.79 -19.02
C LYS A 153 33.80 4.51 -17.68
N HIS A 154 34.95 4.51 -17.01
CA HIS A 154 35.15 5.14 -15.68
C HIS A 154 34.86 6.65 -15.77
N GLU A 155 34.97 7.21 -16.96
CA GLU A 155 34.76 8.66 -17.22
C GLU A 155 33.28 9.02 -17.05
N TYR A 156 32.39 8.02 -17.05
CA TYR A 156 30.94 8.24 -16.88
C TYR A 156 30.67 8.47 -15.39
N PRO A 157 30.28 9.69 -14.98
CA PRO A 157 30.10 9.99 -13.56
C PRO A 157 28.80 9.38 -13.03
N ILE A 158 27.78 9.40 -13.88
CA ILE A 158 26.37 8.98 -13.60
C ILE A 158 25.98 7.85 -14.55
N ILE A 159 25.58 6.68 -14.03
CA ILE A 159 25.15 5.52 -14.88
C ILE A 159 23.77 5.00 -14.45
N SER A 160 23.08 4.35 -15.39
CA SER A 160 21.74 3.72 -15.21
C SER A 160 21.88 2.21 -15.38
N ASN A 161 21.23 1.42 -14.53
CA ASN A 161 21.26 -0.06 -14.63
C ASN A 161 19.94 -0.55 -15.24
N ALA A 162 19.09 0.39 -15.67
CA ALA A 162 17.86 0.12 -16.44
C ALA A 162 16.76 -0.38 -15.49
N SER A 163 15.62 -0.80 -16.04
CA SER A 163 14.48 -1.36 -15.26
C SER A 163 14.72 -2.85 -15.00
N CYS A 164 13.98 -3.43 -14.05
CA CYS A 164 14.07 -4.89 -13.78
C CYS A 164 13.63 -5.63 -15.05
N THR A 165 12.59 -5.13 -15.72
CA THR A 165 11.98 -5.77 -16.91
C THR A 165 12.96 -5.72 -18.09
N THR A 166 13.65 -4.59 -18.24
CA THR A 166 14.64 -4.41 -19.35
C THR A 166 15.77 -5.37 -19.08
N ASN A 167 16.11 -5.57 -17.80
CA ASN A 167 17.15 -6.56 -17.39
C ASN A 167 16.70 -7.98 -17.74
N CYS A 168 15.41 -8.28 -17.61
CA CYS A 168 14.91 -9.60 -18.07
C CYS A 168 14.93 -9.68 -19.60
N LEU A 169 14.41 -8.66 -20.25
CA LEU A 169 14.16 -8.62 -21.73
C LEU A 169 15.48 -8.61 -22.53
N ALA A 170 16.41 -7.69 -22.28
CA ALA A 170 17.59 -7.44 -23.16
C ALA A 170 18.46 -8.67 -23.38
N PRO A 171 18.77 -9.52 -22.38
CA PRO A 171 19.69 -10.63 -22.62
C PRO A 171 19.11 -11.64 -23.63
N PHE A 172 17.83 -12.00 -23.49
CA PHE A 172 17.21 -13.00 -24.39
C PHE A 172 16.87 -12.33 -25.74
N VAL A 173 16.54 -11.05 -25.73
CA VAL A 173 16.31 -10.31 -27.01
C VAL A 173 17.62 -10.33 -27.80
N LYS A 174 18.75 -10.16 -27.11
CA LYS A 174 20.06 -10.11 -27.80
C LYS A 174 20.25 -11.41 -28.57
N VAL A 175 20.01 -12.56 -27.93
CA VAL A 175 20.20 -13.92 -28.52
C VAL A 175 19.31 -14.04 -29.75
N LEU A 176 18.03 -13.67 -29.63
CA LEU A 176 17.06 -13.73 -30.77
C LEU A 176 17.58 -12.90 -31.95
N GLU A 177 18.09 -11.70 -31.69
CA GLU A 177 18.56 -10.72 -32.70
C GLU A 177 19.77 -11.29 -33.43
N GLN A 178 20.76 -11.83 -32.71
CA GLN A 178 21.95 -12.47 -33.35
C GLN A 178 21.52 -13.69 -34.16
N LYS A 179 20.77 -14.61 -33.54
CA LYS A 179 20.48 -15.95 -34.12
C LYS A 179 19.41 -15.88 -35.23
N PHE A 180 18.34 -15.11 -35.04
CA PHE A 180 17.21 -15.15 -36.01
C PHE A 180 16.97 -13.78 -36.62
N GLY A 181 17.33 -12.72 -35.91
CA GLY A 181 17.16 -11.34 -36.40
C GLY A 181 15.72 -10.96 -36.20
N ILE A 182 15.48 -9.77 -35.67
CA ILE A 182 14.12 -9.33 -35.27
C ILE A 182 13.67 -8.21 -36.21
N VAL A 183 12.40 -8.28 -36.63
CA VAL A 183 11.74 -7.30 -37.52
C VAL A 183 10.92 -6.34 -36.65
N LYS A 184 10.06 -6.90 -35.80
CA LYS A 184 9.25 -6.11 -34.85
C LYS A 184 8.61 -7.03 -33.81
N GLY A 185 8.15 -6.50 -32.68
CA GLY A 185 7.61 -7.37 -31.62
C GLY A 185 6.88 -6.56 -30.57
N THR A 186 6.21 -7.25 -29.66
CA THR A 186 5.50 -6.65 -28.50
C THR A 186 5.64 -7.57 -27.27
N MET A 187 5.58 -6.98 -26.09
CA MET A 187 5.84 -7.74 -24.85
C MET A 187 4.75 -7.40 -23.85
N THR A 188 4.50 -8.32 -22.96
CA THR A 188 3.67 -8.06 -21.75
C THR A 188 4.48 -8.56 -20.56
N THR A 189 4.70 -7.69 -19.57
CA THR A 189 5.22 -8.18 -18.28
C THR A 189 3.99 -8.35 -17.37
N THR A 190 3.74 -9.58 -16.96
CA THR A 190 2.79 -9.93 -15.88
C THR A 190 3.63 -9.82 -14.60
N HIS A 191 3.55 -8.64 -13.97
CA HIS A 191 4.53 -8.17 -12.97
C HIS A 191 3.89 -8.18 -11.59
N SER A 192 4.62 -8.59 -10.54
CA SER A 192 4.21 -8.46 -9.11
C SER A 192 3.98 -6.99 -8.77
N TYR A 193 3.04 -6.71 -7.87
CA TYR A 193 2.75 -5.33 -7.41
C TYR A 193 3.99 -4.73 -6.76
N THR A 194 4.04 -3.40 -6.82
CA THR A 194 5.18 -2.62 -6.27
C THR A 194 4.62 -1.55 -5.34
N GLY A 195 5.52 -0.90 -4.59
CA GLY A 195 5.23 0.16 -3.60
C GLY A 195 4.56 1.37 -4.22
N ASP A 196 4.63 1.47 -5.55
CA ASP A 196 3.98 2.54 -6.34
C ASP A 196 2.45 2.34 -6.38
N GLN A 197 1.98 1.10 -6.37
CA GLN A 197 0.52 0.79 -6.39
C GLN A 197 -0.05 1.05 -4.99
N ARG A 198 -1.33 1.38 -4.89
CA ARG A 198 -1.98 1.60 -3.59
C ARG A 198 -2.49 0.24 -3.08
N LEU A 199 -2.47 0.06 -1.75
CA LEU A 199 -3.05 -1.14 -1.13
C LEU A 199 -4.59 -1.17 -1.26
N LEU A 200 -5.26 -0.08 -0.92
CA LEU A 200 -6.73 0.11 -1.15
C LEU A 200 -6.93 1.29 -2.12
N ASP A 201 -8.09 1.42 -2.75
CA ASP A 201 -8.29 2.41 -3.84
C ASP A 201 -7.99 3.81 -3.26
N ALA A 202 -7.00 4.52 -3.81
CA ALA A 202 -6.54 5.81 -3.23
C ALA A 202 -5.82 6.65 -4.28
N SER A 203 -5.40 7.86 -3.85
CA SER A 203 -4.86 8.93 -4.72
C SER A 203 -3.65 8.41 -5.46
N HIS A 204 -3.59 8.69 -6.75
CA HIS A 204 -2.44 8.37 -7.63
C HIS A 204 -2.61 9.14 -8.95
N ARG A 205 -1.54 9.69 -9.47
CA ARG A 205 -1.60 10.36 -10.78
C ARG A 205 -2.10 9.36 -11.84
N ASP A 206 -1.71 8.08 -11.79
CA ASP A 206 -2.21 7.02 -12.73
C ASP A 206 -3.42 6.31 -12.11
N LEU A 207 -4.61 6.47 -12.69
CA LEU A 207 -5.88 6.01 -12.07
C LEU A 207 -6.00 4.48 -12.05
N ARG A 208 -5.12 3.76 -12.76
CA ARG A 208 -5.03 2.29 -12.67
C ARG A 208 -4.24 1.92 -11.42
N ARG A 209 -3.06 2.52 -11.26
CA ARG A 209 -2.10 2.22 -10.16
C ARG A 209 -2.73 2.62 -8.83
N ALA A 210 -3.76 3.46 -8.89
CA ALA A 210 -4.56 3.92 -7.75
C ALA A 210 -5.37 2.75 -7.12
N ARG A 211 -5.65 1.71 -7.90
CA ARG A 211 -6.60 0.63 -7.49
C ARG A 211 -5.88 -0.43 -6.62
N ALA A 212 -6.59 -0.96 -5.62
CA ALA A 212 -6.09 -1.93 -4.63
C ALA A 212 -5.33 -3.06 -5.31
N ALA A 213 -4.02 -3.15 -5.04
CA ALA A 213 -3.02 -3.95 -5.81
C ALA A 213 -3.24 -5.46 -5.65
N ALA A 214 -3.63 -5.92 -4.46
CA ALA A 214 -3.71 -7.35 -4.14
C ALA A 214 -5.10 -7.85 -4.53
N LEU A 215 -5.97 -6.96 -4.98
CA LEU A 215 -7.32 -7.35 -5.44
C LEU A 215 -7.40 -7.43 -6.96
N ASN A 216 -6.41 -6.89 -7.71
CA ASN A 216 -6.66 -6.65 -9.16
C ASN A 216 -5.48 -6.93 -10.09
N ILE A 217 -5.82 -7.24 -11.35
CA ILE A 217 -4.93 -7.23 -12.53
C ILE A 217 -4.94 -5.79 -13.00
N VAL A 218 -3.83 -5.05 -12.91
CA VAL A 218 -3.78 -3.58 -13.15
C VAL A 218 -2.88 -3.30 -14.35
N PRO A 219 -3.41 -2.90 -15.53
CA PRO A 219 -2.59 -2.57 -16.70
C PRO A 219 -1.79 -1.30 -16.40
N THR A 220 -0.56 -1.21 -16.88
CA THR A 220 0.28 0.00 -16.72
C THR A 220 1.28 0.04 -17.87
N THR A 221 1.70 1.26 -18.25
CA THR A 221 2.71 1.51 -19.30
C THR A 221 4.08 1.07 -18.81
N THR A 222 4.96 0.65 -19.71
CA THR A 222 6.33 0.20 -19.41
C THR A 222 7.26 0.75 -20.50
N GLY A 223 8.49 1.14 -20.15
CA GLY A 223 9.45 1.67 -21.13
C GLY A 223 10.48 0.62 -21.49
N ALA A 224 10.31 -0.60 -20.99
CA ALA A 224 11.29 -1.70 -21.12
C ALA A 224 11.46 -2.09 -22.58
N ALA A 225 10.38 -2.04 -23.35
CA ALA A 225 10.34 -2.43 -24.78
C ALA A 225 11.16 -1.47 -25.64
N LYS A 226 11.03 -0.17 -25.40
CA LYS A 226 11.82 0.87 -26.12
C LYS A 226 13.19 1.01 -25.45
N ALA A 227 13.29 0.76 -24.14
CA ALA A 227 14.53 0.93 -23.35
C ALA A 227 15.59 -0.06 -23.83
N VAL A 228 15.17 -1.22 -24.34
CA VAL A 228 16.09 -2.29 -24.83
C VAL A 228 17.01 -1.72 -25.91
N SER A 229 16.51 -0.73 -26.65
CA SER A 229 17.25 -0.10 -27.78
C SER A 229 18.44 0.68 -27.24
N LEU A 230 18.43 1.06 -25.95
CA LEU A 230 19.57 1.82 -25.35
C LEU A 230 20.79 0.91 -25.24
N VAL A 231 20.58 -0.37 -24.95
CA VAL A 231 21.71 -1.33 -24.75
C VAL A 231 21.94 -2.13 -26.03
N LEU A 232 20.94 -2.26 -26.89
CA LEU A 232 21.04 -3.02 -28.18
C LEU A 232 20.55 -2.15 -29.33
N PRO A 233 21.44 -1.32 -29.92
CA PRO A 233 21.05 -0.30 -30.90
C PRO A 233 20.33 -0.87 -32.13
N SER A 234 20.51 -2.15 -32.42
CA SER A 234 19.81 -2.81 -33.56
C SER A 234 18.32 -2.96 -33.27
N LEU A 235 17.88 -2.74 -32.02
CA LEU A 235 16.45 -2.91 -31.64
C LEU A 235 15.69 -1.61 -31.80
N LYS A 236 16.36 -0.50 -32.14
CA LYS A 236 15.70 0.82 -32.12
C LYS A 236 14.37 0.74 -32.85
N GLY A 237 13.28 1.15 -32.16
CA GLY A 237 11.91 1.24 -32.68
C GLY A 237 11.29 -0.11 -33.00
N LYS A 238 11.91 -1.22 -32.62
CA LYS A 238 11.41 -2.56 -33.04
C LYS A 238 10.41 -3.16 -32.02
N LEU A 239 10.35 -2.68 -30.79
CA LEU A 239 9.50 -3.33 -29.76
C LEU A 239 8.67 -2.29 -29.02
N ASN A 240 7.48 -2.67 -28.55
CA ASN A 240 6.66 -1.88 -27.60
C ASN A 240 5.99 -2.86 -26.66
N GLY A 241 5.22 -2.37 -25.70
CA GLY A 241 4.52 -3.29 -24.79
C GLY A 241 3.92 -2.58 -23.60
N ILE A 242 3.39 -3.38 -22.68
CA ILE A 242 2.65 -2.87 -21.50
C ILE A 242 2.95 -3.79 -20.32
N ALA A 243 2.43 -3.49 -19.15
CA ALA A 243 2.56 -4.43 -18.04
C ALA A 243 1.20 -4.69 -17.43
N LEU A 244 1.07 -5.87 -16.85
CA LEU A 244 -0.12 -6.23 -16.02
C LEU A 244 0.41 -6.57 -14.65
N ARG A 245 0.16 -5.71 -13.68
CA ARG A 245 0.48 -5.90 -12.24
C ARG A 245 -0.59 -6.83 -11.65
N VAL A 246 -0.17 -7.97 -11.11
CA VAL A 246 -1.10 -8.97 -10.53
C VAL A 246 -0.78 -9.12 -9.05
N PRO A 247 -1.69 -9.71 -8.23
CA PRO A 247 -1.50 -9.78 -6.78
C PRO A 247 -0.50 -10.83 -6.30
N THR A 248 0.76 -10.71 -6.71
CA THR A 248 1.93 -11.40 -6.11
C THR A 248 2.95 -10.33 -5.66
N PRO A 249 3.68 -10.58 -4.55
CA PRO A 249 4.52 -9.55 -3.92
C PRO A 249 5.90 -9.41 -4.57
N THR A 250 6.38 -10.48 -5.23
CA THR A 250 7.65 -10.50 -5.99
C THR A 250 7.60 -11.66 -7.00
N VAL A 251 8.45 -11.55 -8.01
CA VAL A 251 8.65 -12.44 -9.19
C VAL A 251 7.69 -12.00 -10.30
N SER A 252 8.23 -11.87 -11.51
CA SER A 252 7.48 -11.36 -12.69
C SER A 252 7.80 -12.21 -13.92
N VAL A 253 7.02 -12.07 -14.98
CA VAL A 253 7.25 -12.89 -16.20
C VAL A 253 7.04 -12.02 -17.43
N VAL A 254 7.97 -12.11 -18.36
CA VAL A 254 7.91 -11.37 -19.64
C VAL A 254 7.36 -12.32 -20.70
N ASP A 255 6.29 -11.89 -21.35
CA ASP A 255 5.71 -12.63 -22.49
C ASP A 255 6.08 -11.89 -23.78
N LEU A 256 7.00 -12.42 -24.58
CA LEU A 256 7.52 -11.75 -25.80
C LEU A 256 7.02 -12.42 -27.08
N VAL A 257 6.42 -11.63 -27.96
CA VAL A 257 6.02 -12.08 -29.31
C VAL A 257 6.84 -11.27 -30.32
N VAL A 258 7.78 -11.90 -31.03
CA VAL A 258 8.60 -11.21 -32.06
C VAL A 258 8.41 -11.89 -33.42
N GLN A 259 8.38 -11.08 -34.46
CA GLN A 259 8.50 -11.55 -35.87
C GLN A 259 9.99 -11.60 -36.21
N VAL A 260 10.50 -12.76 -36.60
CA VAL A 260 11.95 -12.95 -36.89
C VAL A 260 12.16 -13.12 -38.41
N GLU A 261 13.35 -12.77 -38.89
CA GLU A 261 13.73 -12.87 -40.33
C GLU A 261 13.90 -14.34 -40.70
N LYS A 262 14.70 -15.07 -39.95
CA LYS A 262 15.01 -16.48 -40.30
C LYS A 262 13.94 -17.37 -39.65
N LYS A 263 13.20 -18.09 -40.48
CA LYS A 263 12.09 -18.99 -40.06
C LYS A 263 12.68 -20.06 -39.16
N THR A 264 11.98 -20.42 -38.10
CA THR A 264 12.57 -21.30 -37.07
C THR A 264 11.47 -22.16 -36.41
N PHE A 265 11.86 -22.86 -35.36
CA PHE A 265 10.98 -23.71 -34.53
C PHE A 265 11.43 -23.62 -33.07
N ALA A 266 10.58 -24.05 -32.15
CA ALA A 266 10.75 -23.84 -30.69
C ALA A 266 12.06 -24.44 -30.21
N GLU A 267 12.37 -25.67 -30.63
CA GLU A 267 13.57 -26.42 -30.16
C GLU A 267 14.83 -25.68 -30.65
N GLU A 268 14.78 -25.08 -31.83
CA GLU A 268 15.92 -24.29 -32.38
C GLU A 268 16.09 -23.00 -31.55
N VAL A 269 15.00 -22.35 -31.20
CA VAL A 269 14.98 -21.09 -30.39
C VAL A 269 15.49 -21.40 -28.96
N ASN A 270 15.10 -22.53 -28.38
CA ASN A 270 15.55 -22.97 -27.03
C ASN A 270 17.05 -23.33 -27.08
N ALA A 271 17.50 -23.96 -28.16
CA ALA A 271 18.94 -24.30 -28.32
C ALA A 271 19.79 -23.02 -28.31
N ALA A 272 19.31 -21.94 -28.93
CA ALA A 272 20.04 -20.66 -28.98
C ALA A 272 20.17 -20.11 -27.55
N PHE A 273 19.07 -20.13 -26.81
CA PHE A 273 19.07 -19.64 -25.40
C PHE A 273 20.01 -20.54 -24.58
N ARG A 274 19.99 -21.86 -24.81
CA ARG A 274 20.86 -22.80 -24.06
C ARG A 274 22.34 -22.58 -24.38
N GLU A 275 22.67 -22.25 -25.62
CA GLU A 275 24.07 -21.95 -25.99
C GLU A 275 24.54 -20.74 -25.18
N ALA A 276 23.74 -19.67 -25.16
CA ALA A 276 24.04 -18.41 -24.44
C ALA A 276 24.17 -18.66 -22.94
N ALA A 277 23.25 -19.43 -22.36
CA ALA A 277 23.18 -19.78 -20.92
C ALA A 277 24.40 -20.58 -20.48
N ASN A 278 24.92 -21.48 -21.32
CA ASN A 278 26.09 -22.33 -20.96
C ASN A 278 27.38 -21.60 -21.36
N GLY A 279 27.27 -20.47 -22.04
CA GLY A 279 28.45 -19.79 -22.61
C GLY A 279 28.61 -18.39 -22.03
N PRO A 280 28.47 -17.36 -22.89
CA PRO A 280 28.73 -15.97 -22.51
C PRO A 280 27.67 -15.28 -21.64
N MET A 281 26.50 -15.87 -21.44
CA MET A 281 25.49 -15.22 -20.57
C MET A 281 25.29 -16.05 -19.32
N LYS A 282 26.24 -16.94 -19.02
CA LYS A 282 26.18 -17.78 -17.80
C LYS A 282 26.08 -16.86 -16.59
N GLY A 283 25.10 -17.13 -15.73
CA GLY A 283 24.83 -16.38 -14.50
C GLY A 283 23.79 -15.31 -14.74
N VAL A 284 23.56 -14.90 -15.99
CA VAL A 284 22.55 -13.86 -16.29
C VAL A 284 21.32 -14.49 -16.94
N LEU A 285 21.49 -15.37 -17.94
CA LEU A 285 20.36 -16.03 -18.64
C LEU A 285 20.35 -17.50 -18.24
N HIS A 286 19.18 -18.05 -17.96
CA HIS A 286 19.01 -19.46 -17.56
C HIS A 286 17.87 -20.04 -18.38
N VAL A 287 17.96 -21.29 -18.76
CA VAL A 287 16.83 -21.99 -19.43
C VAL A 287 16.32 -23.05 -18.46
N GLU A 288 15.06 -22.91 -18.07
CA GLU A 288 14.39 -23.81 -17.09
C GLU A 288 13.52 -24.83 -17.81
N ASP A 289 13.78 -26.12 -17.60
CA ASP A 289 13.05 -27.24 -18.25
C ASP A 289 12.00 -27.87 -17.33
N ALA A 290 12.03 -27.53 -16.03
CA ALA A 290 11.06 -28.04 -15.05
C ALA A 290 9.80 -27.20 -15.16
N PRO A 291 8.60 -27.78 -15.03
CA PRO A 291 7.38 -27.00 -15.11
C PRO A 291 7.17 -26.32 -13.75
N LEU A 292 7.67 -25.11 -13.61
CA LEU A 292 7.65 -24.36 -12.33
C LEU A 292 6.61 -23.25 -12.40
N VAL A 293 6.51 -22.50 -11.29
CA VAL A 293 5.54 -21.40 -11.07
C VAL A 293 6.32 -20.23 -10.49
N SER A 294 5.71 -19.06 -10.37
CA SER A 294 6.41 -17.80 -10.01
C SER A 294 7.25 -17.99 -8.73
N ILE A 295 6.68 -18.59 -7.69
CA ILE A 295 7.39 -18.66 -6.37
C ILE A 295 8.73 -19.38 -6.53
N ASP A 296 8.82 -20.37 -7.42
CA ASP A 296 10.08 -21.15 -7.64
C ASP A 296 11.21 -20.25 -8.17
N PHE A 297 10.91 -19.06 -8.70
CA PHE A 297 11.94 -18.15 -9.26
C PHE A 297 12.29 -17.09 -8.21
N LYS A 298 11.69 -17.18 -7.02
CA LYS A 298 11.96 -16.20 -5.95
C LYS A 298 13.44 -16.36 -5.58
N CYS A 299 14.12 -15.25 -5.32
CA CYS A 299 15.56 -15.22 -4.89
CA CYS A 299 15.56 -15.22 -4.88
C CYS A 299 16.51 -15.91 -5.90
N THR A 300 16.21 -15.90 -7.22
CA THR A 300 17.16 -16.45 -8.23
C THR A 300 18.13 -15.31 -8.57
N ASP A 301 19.42 -15.64 -8.81
CA ASP A 301 20.53 -14.69 -9.09
C ASP A 301 20.49 -14.19 -10.55
N GLN A 302 20.02 -15.02 -11.47
CA GLN A 302 19.93 -14.73 -12.93
C GLN A 302 18.91 -13.61 -13.20
N SER A 303 19.14 -12.81 -14.24
CA SER A 303 18.24 -11.73 -14.74
C SER A 303 17.00 -12.30 -15.44
N THR A 304 17.15 -13.44 -16.09
CA THR A 304 16.08 -14.02 -16.93
C THR A 304 16.19 -15.53 -16.87
N SER A 305 15.06 -16.20 -16.69
CA SER A 305 14.96 -17.67 -16.73
C SER A 305 13.94 -18.00 -17.82
N ILE A 306 14.39 -18.55 -18.95
CA ILE A 306 13.47 -18.93 -20.08
C ILE A 306 12.66 -20.16 -19.67
N ASP A 307 11.34 -20.12 -19.83
CA ASP A 307 10.47 -21.27 -19.56
C ASP A 307 10.42 -22.07 -20.86
N ALA A 308 11.27 -23.07 -20.98
CA ALA A 308 11.62 -23.79 -22.22
C ALA A 308 10.38 -24.38 -22.89
N SER A 309 9.54 -25.06 -22.09
CA SER A 309 8.32 -25.76 -22.58
C SER A 309 7.28 -24.78 -23.11
N LEU A 310 7.34 -23.48 -22.75
CA LEU A 310 6.35 -22.44 -23.16
C LEU A 310 6.75 -21.80 -24.51
N THR A 311 7.99 -21.98 -24.96
CA THR A 311 8.48 -21.31 -26.19
C THR A 311 7.57 -21.77 -27.33
N MET A 312 7.10 -20.83 -28.16
CA MET A 312 6.13 -21.22 -29.22
C MET A 312 6.40 -20.46 -30.55
N VAL A 313 6.46 -21.18 -31.67
CA VAL A 313 6.62 -20.57 -33.02
C VAL A 313 5.34 -20.76 -33.83
N MET A 314 4.78 -19.67 -34.35
CA MET A 314 3.55 -19.77 -35.18
C MET A 314 3.85 -19.27 -36.59
N GLY A 315 3.55 -20.11 -37.59
CA GLY A 315 3.75 -19.82 -39.02
C GLY A 315 5.20 -19.52 -39.36
N ASP A 316 6.15 -20.27 -38.80
CA ASP A 316 7.63 -20.20 -39.09
C ASP A 316 8.34 -18.97 -38.52
N ASP A 317 7.74 -17.78 -38.47
CA ASP A 317 8.51 -16.58 -38.03
C ASP A 317 7.80 -15.80 -36.91
N MET A 318 6.72 -16.31 -36.32
CA MET A 318 6.19 -15.62 -35.12
C MET A 318 6.57 -16.42 -33.88
N VAL A 319 7.50 -15.86 -33.10
CA VAL A 319 8.18 -16.52 -31.94
C VAL A 319 7.69 -15.89 -30.65
N LYS A 320 7.29 -16.73 -29.70
CA LYS A 320 6.79 -16.30 -28.36
C LYS A 320 7.70 -16.92 -27.31
N VAL A 321 8.24 -16.12 -26.43
CA VAL A 321 9.15 -16.61 -25.36
C VAL A 321 8.62 -16.13 -24.03
N VAL A 322 8.59 -16.99 -23.02
CA VAL A 322 8.14 -16.59 -21.65
C VAL A 322 9.36 -16.69 -20.73
N ALA A 323 9.70 -15.59 -20.07
CA ALA A 323 10.95 -15.50 -19.29
C ALA A 323 10.63 -15.03 -17.88
N TRP A 324 10.99 -15.81 -16.88
CA TRP A 324 10.74 -15.48 -15.45
C TRP A 324 11.86 -14.58 -14.97
N TYR A 325 11.54 -13.61 -14.12
CA TYR A 325 12.58 -12.83 -13.42
C TYR A 325 12.12 -12.39 -12.02
N ASP A 326 13.03 -12.53 -11.06
CA ASP A 326 12.80 -11.94 -9.72
C ASP A 326 13.16 -10.45 -9.81
N ASN A 327 12.16 -9.59 -9.96
CA ASN A 327 12.27 -8.12 -10.18
C ASN A 327 12.98 -7.44 -8.99
N GLU A 328 12.96 -8.03 -7.80
CA GLU A 328 13.67 -7.40 -6.66
C GLU A 328 15.10 -7.94 -6.59
N TRP A 329 15.24 -9.25 -6.34
CA TRP A 329 16.54 -9.93 -6.05
C TRP A 329 17.44 -10.05 -7.30
N GLY A 330 16.93 -10.56 -8.42
CA GLY A 330 17.70 -10.76 -9.66
C GLY A 330 18.20 -9.44 -10.18
N TYR A 331 17.35 -8.42 -10.17
CA TYR A 331 17.74 -7.04 -10.50
C TYR A 331 18.80 -6.53 -9.52
N SER A 332 18.65 -6.82 -8.22
CA SER A 332 19.61 -6.37 -7.18
C SER A 332 20.95 -7.06 -7.41
N GLN A 333 20.96 -8.29 -7.89
CA GLN A 333 22.21 -9.04 -8.19
C GLN A 333 22.88 -8.43 -9.43
N ARG A 334 22.12 -7.75 -10.30
CA ARG A 334 22.68 -6.98 -11.43
C ARG A 334 23.24 -5.66 -10.91
N VAL A 335 22.54 -5.00 -9.99
CA VAL A 335 23.00 -3.68 -9.43
C VAL A 335 24.33 -3.91 -8.71
N VAL A 336 24.47 -5.01 -7.98
CA VAL A 336 25.78 -5.36 -7.34
C VAL A 336 26.81 -5.63 -8.45
N ASP A 337 26.41 -6.28 -9.55
CA ASP A 337 27.34 -6.61 -10.66
C ASP A 337 27.84 -5.30 -11.30
N LEU A 338 26.96 -4.37 -11.61
CA LEU A 338 27.35 -3.14 -12.34
C LEU A 338 28.27 -2.31 -11.44
N ALA A 339 27.90 -2.18 -10.17
CA ALA A 339 28.72 -1.44 -9.19
C ALA A 339 30.12 -2.09 -9.16
N GLU A 340 30.20 -3.42 -9.22
CA GLU A 340 31.52 -4.08 -9.22
C GLU A 340 32.35 -3.65 -10.45
N VAL A 341 31.69 -3.49 -11.60
CA VAL A 341 32.38 -3.09 -12.86
C VAL A 341 32.98 -1.68 -12.67
N THR A 342 32.28 -0.78 -11.99
CA THR A 342 32.81 0.58 -11.69
C THR A 342 34.03 0.45 -10.76
N ALA A 343 33.97 -0.47 -9.79
CA ALA A 343 35.07 -0.73 -8.82
C ALA A 343 36.30 -1.29 -9.55
N LYS A 344 36.04 -2.20 -10.49
CA LYS A 344 37.07 -2.91 -11.29
C LYS A 344 37.73 -1.93 -12.26
N LYS A 345 37.04 -0.84 -12.61
CA LYS A 345 37.53 0.10 -13.64
C LYS A 345 38.05 1.38 -12.99
N TRP A 346 37.85 1.52 -11.68
CA TRP A 346 38.06 2.82 -10.98
C TRP A 346 39.51 3.29 -11.23
N VAL A 347 39.70 4.55 -11.57
CA VAL A 347 41.03 5.22 -11.51
C VAL A 347 41.14 6.00 -10.20
N LYS B 11 -31.58 20.22 3.73
CA LYS B 11 -31.77 21.25 4.81
C LYS B 11 -30.37 21.75 5.22
N ILE B 12 -29.59 20.98 6.00
CA ILE B 12 -28.22 21.42 6.43
C ILE B 12 -27.25 21.15 5.27
N ARG B 13 -26.26 22.02 5.07
CA ARG B 13 -25.33 21.99 3.89
C ARG B 13 -23.98 21.41 4.29
N VAL B 14 -23.64 20.25 3.72
CA VAL B 14 -22.54 19.40 4.24
C VAL B 14 -21.34 19.52 3.33
N ALA B 15 -20.15 19.53 3.93
CA ALA B 15 -18.87 19.53 3.22
C ALA B 15 -18.10 18.28 3.64
N ILE B 16 -17.44 17.60 2.71
CA ILE B 16 -16.64 16.39 3.03
C ILE B 16 -15.19 16.77 2.84
N ASN B 17 -14.41 16.69 3.90
CA ASN B 17 -12.96 16.95 3.81
C ASN B 17 -12.22 15.62 3.82
N GLY B 18 -11.51 15.33 2.73
CA GLY B 18 -10.71 14.11 2.55
C GLY B 18 -11.55 13.03 1.90
N PHE B 19 -11.45 12.90 0.59
CA PHE B 19 -12.28 11.95 -0.21
C PHE B 19 -11.57 10.58 -0.33
N GLY B 20 -11.34 9.92 0.80
CA GLY B 20 -10.66 8.60 0.84
C GLY B 20 -11.69 7.48 0.90
N ARG B 21 -11.38 6.40 1.61
CA ARG B 21 -12.32 5.26 1.74
C ARG B 21 -13.54 5.73 2.56
N ILE B 22 -13.34 6.44 3.67
CA ILE B 22 -14.52 6.90 4.46
C ILE B 22 -15.28 8.02 3.72
N GLY B 23 -14.60 9.00 3.14
CA GLY B 23 -15.29 10.08 2.39
C GLY B 23 -16.12 9.54 1.21
N ARG B 24 -15.55 8.62 0.44
CA ARG B 24 -16.23 8.02 -0.74
C ARG B 24 -17.34 7.08 -0.30
N ASN B 25 -17.14 6.32 0.80
CA ASN B 25 -18.20 5.49 1.45
C ASN B 25 -19.31 6.40 1.95
N PHE B 26 -18.98 7.54 2.58
CA PHE B 26 -20.00 8.52 3.04
C PHE B 26 -20.85 9.02 1.88
N LEU B 27 -20.26 9.39 0.75
CA LEU B 27 -21.07 9.95 -0.36
C LEU B 27 -22.04 8.87 -0.85
N ARG B 28 -21.58 7.64 -1.06
CA ARG B 28 -22.43 6.53 -1.57
C ARG B 28 -23.51 6.20 -0.54
N CYS B 29 -23.19 6.15 0.76
CA CYS B 29 -24.17 5.84 1.83
C CYS B 29 -25.27 6.91 1.84
N TRP B 30 -24.87 8.18 1.92
CA TRP B 30 -25.79 9.35 1.98
C TRP B 30 -26.66 9.38 0.71
N HIS B 31 -26.05 9.20 -0.45
CA HIS B 31 -26.77 9.21 -1.73
C HIS B 31 -27.82 8.09 -1.74
N GLY B 32 -27.68 7.07 -0.91
CA GLY B 32 -28.61 5.93 -0.91
C GLY B 32 -29.77 6.12 0.05
N ARG B 33 -29.79 7.19 0.82
CA ARG B 33 -30.90 7.38 1.78
C ARG B 33 -32.13 7.88 1.02
N GLN B 34 -33.28 7.23 1.21
CA GLN B 34 -34.56 7.70 0.62
C GLN B 34 -34.77 9.14 1.10
N ASN B 35 -34.85 9.29 2.43
CA ASN B 35 -35.03 10.60 3.12
C ASN B 35 -33.69 11.02 3.72
N THR B 36 -33.24 12.22 3.39
CA THR B 36 -32.00 12.78 3.97
C THR B 36 -32.21 14.27 4.27
N LEU B 37 -31.85 14.70 5.48
CA LEU B 37 -31.81 16.13 5.85
C LEU B 37 -30.46 16.74 5.46
N LEU B 38 -29.57 15.95 4.86
CA LEU B 38 -28.21 16.43 4.51
C LEU B 38 -28.20 16.77 3.03
N ASP B 39 -27.47 17.82 2.67
CA ASP B 39 -27.27 18.20 1.25
C ASP B 39 -25.78 18.38 1.06
N VAL B 40 -25.10 17.40 0.48
CA VAL B 40 -23.63 17.45 0.28
C VAL B 40 -23.38 18.35 -0.92
N VAL B 41 -22.69 19.47 -0.68
CA VAL B 41 -22.52 20.58 -1.66
C VAL B 41 -21.05 20.69 -2.07
N ALA B 42 -20.10 20.25 -1.22
CA ALA B 42 -18.65 20.44 -1.47
C ALA B 42 -17.84 19.23 -0.99
N ILE B 43 -16.77 18.93 -1.72
CA ILE B 43 -15.79 17.84 -1.44
C ILE B 43 -14.41 18.46 -1.56
N ASN B 44 -13.55 18.31 -0.55
CA ASN B 44 -12.13 18.72 -0.70
C ASN B 44 -11.30 17.49 -1.08
N ASP B 45 -10.85 17.46 -2.33
CA ASP B 45 -9.99 16.38 -2.87
C ASP B 45 -8.83 16.99 -3.68
N SER B 46 -7.61 16.61 -3.30
CA SER B 46 -6.32 16.99 -3.95
C SER B 46 -6.27 16.56 -5.41
N GLY B 47 -6.88 15.42 -5.74
CA GLY B 47 -6.87 14.80 -7.08
C GLY B 47 -7.71 15.53 -8.11
N GLY B 48 -8.59 16.44 -7.68
CA GLY B 48 -9.45 17.21 -8.59
C GLY B 48 -10.62 16.38 -9.11
N VAL B 49 -11.44 17.00 -9.96
CA VAL B 49 -12.72 16.42 -10.47
C VAL B 49 -12.41 15.07 -11.12
N LYS B 50 -11.30 14.97 -11.84
CA LYS B 50 -10.97 13.76 -12.62
C LYS B 50 -10.64 12.61 -11.65
N GLN B 51 -9.95 12.84 -10.54
CA GLN B 51 -9.72 11.77 -9.56
C GLN B 51 -11.01 11.43 -8.82
N ALA B 52 -11.68 12.46 -8.28
CA ALA B 52 -12.89 12.25 -7.46
C ALA B 52 -13.93 11.53 -8.31
N SER B 53 -14.21 11.98 -9.52
CA SER B 53 -15.28 11.35 -10.34
C SER B 53 -14.95 9.87 -10.55
N HIS B 54 -13.71 9.57 -10.90
CA HIS B 54 -13.21 8.21 -11.25
C HIS B 54 -13.29 7.26 -10.04
N LEU B 55 -12.75 7.66 -8.88
CA LEU B 55 -12.71 6.82 -7.64
C LEU B 55 -14.08 6.75 -6.98
N LEU B 56 -15.00 7.70 -7.26
CA LEU B 56 -16.38 7.56 -6.72
C LEU B 56 -17.12 6.46 -7.48
N LYS B 57 -16.88 6.41 -8.80
CA LYS B 57 -17.55 5.55 -9.81
C LYS B 57 -16.98 4.13 -9.76
N TYR B 58 -15.65 3.97 -9.75
CA TYR B 58 -14.98 2.64 -9.71
C TYR B 58 -14.40 2.41 -8.31
N ASP B 59 -14.84 1.32 -7.69
CA ASP B 59 -14.46 0.94 -6.33
C ASP B 59 -14.12 -0.56 -6.29
N SER B 60 -12.90 -0.89 -5.87
CA SER B 60 -12.39 -2.27 -5.78
C SER B 60 -13.22 -3.10 -4.80
N THR B 61 -13.79 -2.47 -3.76
CA THR B 61 -14.54 -3.09 -2.65
C THR B 61 -16.05 -2.95 -2.89
N LEU B 62 -16.50 -1.72 -3.09
CA LEU B 62 -17.94 -1.33 -3.13
C LEU B 62 -18.57 -1.82 -4.43
N GLY B 63 -17.77 -1.97 -5.49
CA GLY B 63 -18.26 -2.22 -6.85
C GLY B 63 -18.60 -0.91 -7.55
N THR B 64 -19.05 -0.97 -8.81
CA THR B 64 -19.37 0.26 -9.60
C THR B 64 -20.61 0.96 -9.02
N PHE B 65 -20.49 2.25 -8.78
CA PHE B 65 -21.62 3.09 -8.33
C PHE B 65 -22.67 2.98 -9.43
N ALA B 66 -23.90 2.61 -9.08
CA ALA B 66 -25.02 2.53 -10.03
C ALA B 66 -25.35 3.94 -10.56
N ALA B 67 -24.92 4.98 -9.85
CA ALA B 67 -25.29 6.36 -10.14
C ALA B 67 -24.56 6.85 -11.40
N ASP B 68 -25.15 7.85 -12.04
CA ASP B 68 -24.56 8.57 -13.20
C ASP B 68 -23.59 9.60 -12.64
N VAL B 69 -22.29 9.41 -12.88
CA VAL B 69 -21.24 10.31 -12.35
C VAL B 69 -20.56 10.96 -13.55
N LYS B 70 -20.52 12.29 -13.59
CA LYS B 70 -19.81 12.98 -14.70
C LYS B 70 -19.10 14.22 -14.17
N ILE B 71 -18.06 14.62 -14.90
CA ILE B 71 -17.30 15.87 -14.68
C ILE B 71 -18.02 16.99 -15.43
N VAL B 72 -18.68 17.88 -14.71
CA VAL B 72 -19.37 19.08 -15.30
C VAL B 72 -18.32 20.06 -15.85
N ASP B 73 -17.39 20.53 -15.00
CA ASP B 73 -16.32 21.48 -15.42
C ASP B 73 -15.06 21.23 -14.58
N ASP B 74 -14.17 22.23 -14.57
CA ASP B 74 -12.87 22.24 -13.84
C ASP B 74 -13.04 22.04 -12.33
N SER B 75 -14.18 22.42 -11.75
CA SER B 75 -14.35 22.37 -10.27
C SER B 75 -15.70 21.75 -9.86
N HIS B 76 -16.38 21.03 -10.74
CA HIS B 76 -17.67 20.40 -10.38
C HIS B 76 -17.80 18.99 -10.99
N ILE B 77 -18.46 18.10 -10.23
CA ILE B 77 -18.90 16.75 -10.67
C ILE B 77 -20.41 16.71 -10.46
N SER B 78 -21.10 15.85 -11.18
CA SER B 78 -22.54 15.65 -10.91
C SER B 78 -22.76 14.18 -10.59
N VAL B 79 -23.56 13.91 -9.57
CA VAL B 79 -24.08 12.54 -9.27
C VAL B 79 -25.57 12.54 -9.57
N ASP B 80 -26.02 11.77 -10.57
CA ASP B 80 -27.45 11.74 -10.97
C ASP B 80 -27.90 13.18 -11.19
N GLY B 81 -27.02 13.97 -11.83
CA GLY B 81 -27.30 15.37 -12.21
C GLY B 81 -27.02 16.38 -11.10
N LYS B 82 -26.95 15.99 -9.83
CA LYS B 82 -26.67 16.95 -8.73
C LYS B 82 -25.17 17.25 -8.70
N GLN B 83 -24.81 18.53 -8.80
CA GLN B 83 -23.40 18.97 -8.89
C GLN B 83 -22.83 19.07 -7.47
N ILE B 84 -21.51 18.87 -7.34
CA ILE B 84 -20.74 19.05 -6.07
C ILE B 84 -19.45 19.77 -6.40
N LYS B 85 -19.04 20.79 -5.62
CA LYS B 85 -17.81 21.55 -5.95
C LYS B 85 -16.59 20.78 -5.44
N ILE B 86 -15.51 20.79 -6.22
CA ILE B 86 -14.26 20.11 -5.79
C ILE B 86 -13.21 21.16 -5.47
N VAL B 87 -13.13 21.54 -4.19
CA VAL B 87 -12.06 22.41 -3.63
C VAL B 87 -10.83 21.52 -3.50
N SER B 88 -9.62 22.08 -3.56
CA SER B 88 -8.37 21.28 -3.43
C SER B 88 -7.32 22.03 -2.61
N SER B 89 -7.48 22.07 -1.28
CA SER B 89 -6.46 22.69 -0.40
C SER B 89 -6.07 21.71 0.72
N ARG B 90 -4.77 21.51 0.90
CA ARG B 90 -4.25 20.71 2.05
C ARG B 90 -4.49 21.51 3.32
N ASP B 91 -4.67 22.83 3.22
CA ASP B 91 -4.92 23.73 4.38
C ASP B 91 -6.41 23.98 4.53
N PRO B 92 -7.07 23.47 5.60
CA PRO B 92 -8.49 23.77 5.86
C PRO B 92 -8.81 25.26 6.02
N LEU B 93 -7.86 26.07 6.50
CA LEU B 93 -8.06 27.52 6.76
C LEU B 93 -8.42 28.24 5.45
N GLN B 94 -7.93 27.72 4.31
CA GLN B 94 -8.17 28.25 2.93
C GLN B 94 -9.63 28.04 2.48
N LEU B 95 -10.26 26.96 2.93
CA LEU B 95 -11.54 26.46 2.34
C LEU B 95 -12.63 27.51 2.46
N PRO B 96 -13.44 27.69 1.38
CA PRO B 96 -14.42 28.78 1.28
C PRO B 96 -15.79 28.37 1.79
N TRP B 97 -15.88 28.02 3.07
CA TRP B 97 -17.14 27.47 3.63
C TRP B 97 -18.03 28.59 4.19
N LYS B 98 -17.47 29.76 4.46
CA LYS B 98 -18.28 30.96 4.75
C LYS B 98 -19.04 31.32 3.47
N GLU B 99 -18.34 31.25 2.34
CA GLU B 99 -18.84 31.60 0.99
C GLU B 99 -19.89 30.60 0.50
N MET B 100 -19.65 29.31 0.76
CA MET B 100 -20.52 28.20 0.31
C MET B 100 -21.63 27.95 1.33
N ASN B 101 -21.61 28.70 2.44
CA ASN B 101 -22.58 28.58 3.57
C ASN B 101 -22.63 27.11 4.02
N ILE B 102 -21.52 26.60 4.54
CA ILE B 102 -21.38 25.18 4.99
C ILE B 102 -21.73 25.07 6.47
N ASP B 103 -22.87 24.44 6.77
CA ASP B 103 -23.30 24.16 8.16
C ASP B 103 -22.33 23.16 8.81
N LEU B 104 -22.29 21.93 8.29
CA LEU B 104 -21.52 20.80 8.89
C LEU B 104 -20.42 20.33 7.93
N VAL B 105 -19.26 19.99 8.50
CA VAL B 105 -18.06 19.42 7.78
C VAL B 105 -17.79 17.99 8.24
N ILE B 106 -17.62 17.05 7.32
CA ILE B 106 -17.28 15.64 7.67
C ILE B 106 -15.77 15.49 7.52
N GLU B 107 -15.05 15.32 8.64
CA GLU B 107 -13.57 15.24 8.61
C GLU B 107 -13.09 13.80 8.38
N GLY B 108 -12.93 13.40 7.12
CA GLY B 108 -12.48 12.05 6.70
C GLY B 108 -11.00 12.01 6.35
N THR B 109 -10.24 13.04 6.72
CA THR B 109 -8.80 13.12 6.37
C THR B 109 -8.00 12.28 7.34
N GLY B 110 -8.43 12.22 8.61
CA GLY B 110 -7.66 11.59 9.69
C GLY B 110 -6.52 12.46 10.15
N VAL B 111 -6.38 13.66 9.58
CA VAL B 111 -5.23 14.58 9.89
C VAL B 111 -5.68 15.64 10.91
N PHE B 112 -6.93 16.11 10.85
CA PHE B 112 -7.42 17.14 11.80
C PHE B 112 -8.33 16.47 12.81
N ILE B 113 -7.73 16.06 13.92
CA ILE B 113 -8.40 15.15 14.88
C ILE B 113 -8.56 15.83 16.23
N ASP B 114 -8.07 17.05 16.35
CA ASP B 114 -8.06 17.74 17.67
C ASP B 114 -8.87 19.03 17.56
N LYS B 115 -9.21 19.68 18.67
CA LYS B 115 -9.92 20.98 18.62
C LYS B 115 -9.21 21.95 17.68
N VAL B 116 -7.89 22.01 17.69
CA VAL B 116 -7.18 23.02 16.85
C VAL B 116 -7.28 22.60 15.39
N GLY B 117 -6.92 21.36 15.08
CA GLY B 117 -6.93 20.91 13.68
C GLY B 117 -8.33 20.98 13.10
N ALA B 118 -9.30 20.39 13.82
CA ALA B 118 -10.73 20.37 13.44
C ALA B 118 -11.25 21.81 13.41
N GLY B 119 -10.75 22.64 14.32
CA GLY B 119 -11.19 24.03 14.55
C GLY B 119 -11.09 24.88 13.30
N LYS B 120 -10.07 24.62 12.47
CA LYS B 120 -9.76 25.41 11.25
C LYS B 120 -10.97 25.45 10.29
N HIS B 121 -11.79 24.40 10.24
CA HIS B 121 -12.93 24.38 9.27
C HIS B 121 -13.90 25.50 9.66
N ILE B 122 -14.11 25.66 10.96
CA ILE B 122 -15.05 26.68 11.54
C ILE B 122 -14.46 28.08 11.37
N GLN B 123 -13.13 28.23 11.49
CA GLN B 123 -12.47 29.54 11.20
C GLN B 123 -12.88 29.92 9.77
N ALA B 124 -12.91 28.93 8.88
CA ALA B 124 -13.19 29.11 7.43
C ALA B 124 -14.68 29.30 7.13
N GLY B 125 -15.58 29.15 8.10
CA GLY B 125 -17.00 29.48 7.91
C GLY B 125 -17.95 28.42 8.41
N ALA B 126 -17.52 27.17 8.44
CA ALA B 126 -18.39 26.03 8.85
C ALA B 126 -18.80 26.25 10.29
N SER B 127 -20.02 25.85 10.64
CA SER B 127 -20.55 25.99 12.02
C SER B 127 -20.17 24.79 12.90
N LYS B 128 -19.99 23.58 12.33
CA LYS B 128 -19.78 22.32 13.12
C LYS B 128 -18.85 21.36 12.39
N VAL B 129 -18.17 20.49 13.14
CA VAL B 129 -17.25 19.48 12.55
C VAL B 129 -17.58 18.08 13.08
N LEU B 130 -17.65 17.12 12.18
CA LEU B 130 -17.94 15.71 12.52
C LEU B 130 -16.68 14.95 12.13
N ILE B 131 -15.95 14.42 13.11
CA ILE B 131 -14.68 13.68 12.87
C ILE B 131 -14.96 12.19 12.76
N THR B 132 -14.61 11.59 11.62
CA THR B 132 -14.86 10.16 11.29
C THR B 132 -13.71 9.32 11.89
N ALA B 133 -13.42 9.54 13.17
CA ALA B 133 -12.29 8.90 13.86
C ALA B 133 -12.34 9.32 15.32
N PRO B 134 -11.61 8.62 16.21
CA PRO B 134 -11.51 9.05 17.59
C PRO B 134 -10.91 10.45 17.68
N ALA B 135 -11.38 11.25 18.63
CA ALA B 135 -10.83 12.59 18.90
C ALA B 135 -9.49 12.43 19.62
N LYS B 136 -8.50 13.23 19.20
CA LYS B 136 -7.16 13.22 19.85
C LYS B 136 -7.32 13.92 21.21
N ASP B 137 -8.22 14.90 21.29
CA ASP B 137 -8.44 15.71 22.52
C ASP B 137 -9.57 15.11 23.36
N LYS B 138 -9.34 15.07 24.67
CA LYS B 138 -10.25 14.55 25.71
C LYS B 138 -11.59 15.30 25.67
N ASP B 139 -11.55 16.63 25.59
CA ASP B 139 -12.77 17.45 25.82
C ASP B 139 -13.74 17.29 24.64
N ILE B 140 -13.31 16.71 23.51
CA ILE B 140 -14.21 16.46 22.34
C ILE B 140 -15.16 15.30 22.64
N PRO B 141 -16.49 15.53 22.68
CA PRO B 141 -17.45 14.47 22.97
C PRO B 141 -17.48 13.47 21.82
N THR B 142 -17.53 12.17 22.09
CA THR B 142 -17.63 11.15 21.02
C THR B 142 -18.97 10.46 21.17
N PHE B 143 -19.58 10.10 20.05
CA PHE B 143 -20.94 9.50 20.01
C PHE B 143 -20.89 8.24 19.18
N VAL B 144 -21.67 7.25 19.61
CA VAL B 144 -21.91 5.98 18.90
C VAL B 144 -23.44 5.86 18.72
N VAL B 145 -23.92 5.94 17.49
CA VAL B 145 -25.38 5.84 17.25
C VAL B 145 -25.84 4.49 17.78
N GLY B 146 -26.96 4.49 18.50
CA GLY B 146 -27.54 3.32 19.18
C GLY B 146 -26.98 3.15 20.58
N VAL B 147 -25.99 3.95 20.99
CA VAL B 147 -25.48 3.84 22.40
C VAL B 147 -25.76 5.12 23.17
N ASN B 148 -25.22 6.26 22.72
CA ASN B 148 -25.25 7.52 23.50
C ASN B 148 -25.55 8.73 22.60
N GLU B 149 -26.11 8.54 21.39
CA GLU B 149 -26.31 9.70 20.48
C GLU B 149 -27.39 10.66 21.06
N GLY B 150 -28.19 10.18 22.02
CA GLY B 150 -29.22 10.95 22.75
C GLY B 150 -28.60 12.08 23.55
N ASP B 151 -27.40 11.85 24.07
CA ASP B 151 -26.63 12.87 24.83
C ASP B 151 -26.04 13.88 23.85
N TYR B 152 -26.27 13.69 22.54
CA TYR B 152 -25.82 14.67 21.54
C TYR B 152 -26.59 16.01 21.74
N LYS B 153 -25.87 17.11 21.56
CA LYS B 153 -26.37 18.51 21.71
C LYS B 153 -25.80 19.36 20.57
N HIS B 154 -26.62 20.24 19.99
CA HIS B 154 -26.20 21.29 19.01
C HIS B 154 -25.06 22.18 19.52
N GLU B 155 -24.96 22.36 20.85
CA GLU B 155 -23.98 23.26 21.52
C GLU B 155 -22.54 22.76 21.31
N TYR B 156 -22.38 21.48 20.95
CA TYR B 156 -21.07 20.86 20.64
C TYR B 156 -20.66 21.23 19.23
N PRO B 157 -19.66 22.12 19.04
CA PRO B 157 -19.19 22.49 17.71
C PRO B 157 -18.37 21.42 16.98
N ILE B 158 -17.55 20.65 17.69
CA ILE B 158 -16.69 19.56 17.12
C ILE B 158 -17.03 18.25 17.83
N ILE B 159 -17.48 17.23 17.10
CA ILE B 159 -17.87 15.92 17.70
C ILE B 159 -17.11 14.79 17.00
N SER B 160 -17.06 13.62 17.62
CA SER B 160 -16.37 12.42 17.07
C SER B 160 -17.37 11.27 16.91
N ASN B 161 -17.27 10.51 15.81
CA ASN B 161 -18.13 9.32 15.60
C ASN B 161 -17.38 8.05 16.03
N ALA B 162 -16.26 8.21 16.73
CA ALA B 162 -15.45 7.11 17.31
C ALA B 162 -14.79 6.35 16.15
N SER B 163 -14.24 5.16 16.42
CA SER B 163 -13.60 4.29 15.41
C SER B 163 -14.59 3.20 14.95
N CYS B 164 -14.28 2.50 13.86
CA CYS B 164 -15.16 1.41 13.32
C CYS B 164 -15.30 0.29 14.35
N THR B 165 -14.19 -0.14 14.95
CA THR B 165 -14.20 -1.20 15.99
C THR B 165 -15.03 -0.78 17.20
N THR B 166 -14.97 0.48 17.63
CA THR B 166 -15.74 0.96 18.82
C THR B 166 -17.24 0.92 18.55
N ASN B 167 -17.64 1.29 17.33
CA ASN B 167 -19.02 1.20 16.83
C ASN B 167 -19.51 -0.25 16.77
N CYS B 168 -18.66 -1.22 16.47
CA CYS B 168 -19.07 -2.65 16.52
C CYS B 168 -19.27 -3.08 17.98
N LEU B 169 -18.27 -2.79 18.83
CA LEU B 169 -18.18 -3.23 20.24
C LEU B 169 -19.27 -2.57 21.11
N ALA B 170 -19.43 -1.24 21.06
CA ALA B 170 -20.20 -0.45 22.05
C ALA B 170 -21.64 -0.94 22.16
N PRO B 171 -22.38 -1.19 21.07
CA PRO B 171 -23.77 -1.63 21.19
C PRO B 171 -23.96 -2.97 21.89
N PHE B 172 -23.13 -3.97 21.62
CA PHE B 172 -23.34 -5.31 22.25
C PHE B 172 -22.80 -5.25 23.70
N VAL B 173 -21.74 -4.51 23.91
CA VAL B 173 -21.20 -4.29 25.27
C VAL B 173 -22.32 -3.67 26.12
N LYS B 174 -23.11 -2.78 25.50
CA LYS B 174 -24.21 -2.05 26.17
C LYS B 174 -25.25 -3.05 26.67
N VAL B 175 -25.68 -3.97 25.81
CA VAL B 175 -26.62 -5.05 26.22
C VAL B 175 -26.01 -5.85 27.38
N LEU B 176 -24.76 -6.27 27.25
CA LEU B 176 -24.10 -7.13 28.25
C LEU B 176 -24.08 -6.40 29.60
N GLU B 177 -23.74 -5.11 29.61
CA GLU B 177 -23.61 -4.34 30.87
C GLU B 177 -24.98 -4.20 31.54
N GLN B 178 -26.03 -3.92 30.76
CA GLN B 178 -27.44 -3.85 31.23
C GLN B 178 -27.88 -5.21 31.78
N LYS B 179 -27.85 -6.26 30.95
CA LYS B 179 -28.48 -7.55 31.31
C LYS B 179 -27.61 -8.30 32.32
N PHE B 180 -26.30 -8.36 32.15
CA PHE B 180 -25.45 -9.24 33.01
C PHE B 180 -24.49 -8.42 33.85
N GLY B 181 -24.05 -7.28 33.33
CA GLY B 181 -23.05 -6.43 33.99
C GLY B 181 -21.65 -6.93 33.72
N ILE B 182 -20.69 -6.03 33.53
CA ILE B 182 -19.30 -6.43 33.16
C ILE B 182 -18.37 -6.17 34.35
N VAL B 183 -17.63 -7.20 34.75
CA VAL B 183 -16.53 -7.10 35.75
C VAL B 183 -15.29 -6.51 35.07
N LYS B 184 -14.70 -7.26 34.12
CA LYS B 184 -13.58 -6.79 33.23
C LYS B 184 -13.59 -7.69 32.00
N GLY B 185 -12.87 -7.32 30.95
CA GLY B 185 -12.87 -8.10 29.70
C GLY B 185 -11.75 -7.73 28.75
N THR B 186 -11.45 -8.62 27.79
CA THR B 186 -10.40 -8.36 26.79
C THR B 186 -10.97 -8.66 25.41
N MET B 187 -10.44 -8.04 24.38
CA MET B 187 -10.99 -8.27 23.05
C MET B 187 -9.85 -8.36 22.05
N THR B 188 -10.12 -9.05 20.94
CA THR B 188 -9.24 -9.05 19.76
C THR B 188 -10.13 -8.72 18.59
N THR B 189 -9.73 -7.81 17.74
CA THR B 189 -10.42 -7.57 16.44
C THR B 189 -9.52 -8.12 15.33
N THR B 190 -9.95 -9.19 14.64
CA THR B 190 -9.30 -9.69 13.42
C THR B 190 -9.79 -8.78 12.32
N HIS B 191 -8.95 -7.82 11.93
CA HIS B 191 -9.34 -6.64 11.12
C HIS B 191 -8.79 -6.75 9.70
N SER B 192 -9.62 -6.37 8.73
CA SER B 192 -9.26 -6.13 7.32
C SER B 192 -8.14 -5.09 7.30
N TYR B 193 -7.22 -5.18 6.36
CA TYR B 193 -6.12 -4.22 6.20
C TYR B 193 -6.70 -2.86 5.79
N THR B 194 -5.95 -1.79 6.08
CA THR B 194 -6.36 -0.41 5.76
C THR B 194 -5.18 0.33 5.14
N GLY B 195 -5.43 1.59 4.80
CA GLY B 195 -4.52 2.53 4.11
C GLY B 195 -3.30 2.85 4.92
N ASP B 196 -3.37 2.78 6.25
CA ASP B 196 -2.21 3.03 7.14
C ASP B 196 -1.12 2.00 6.77
N GLN B 197 -1.51 0.78 6.47
CA GLN B 197 -0.55 -0.34 6.30
C GLN B 197 0.16 -0.19 4.96
N ARG B 198 1.37 -0.73 4.85
CA ARG B 198 2.19 -0.70 3.61
C ARG B 198 1.88 -1.97 2.82
N LEU B 199 1.86 -1.86 1.48
CA LEU B 199 1.65 -2.96 0.52
C LEU B 199 2.85 -3.90 0.52
N LEU B 200 4.06 -3.35 0.52
CA LEU B 200 5.33 -4.13 0.69
C LEU B 200 6.11 -3.53 1.87
N ASP B 201 7.00 -4.30 2.49
CA ASP B 201 7.75 -3.82 3.68
C ASP B 201 8.36 -2.45 3.36
N ALA B 202 7.93 -1.43 4.10
CA ALA B 202 8.42 -0.04 3.93
C ALA B 202 8.23 0.75 5.22
N SER B 203 8.69 2.00 5.20
CA SER B 203 8.70 2.98 6.33
C SER B 203 7.35 3.00 7.02
N HIS B 204 7.35 2.95 8.35
CA HIS B 204 6.15 3.14 9.20
C HIS B 204 6.62 3.31 10.65
N ARG B 205 6.02 4.25 11.39
CA ARG B 205 6.26 4.45 12.84
C ARG B 205 6.05 3.12 13.57
N ASP B 206 5.03 2.37 13.15
CA ASP B 206 4.66 1.04 13.69
C ASP B 206 5.34 -0.02 12.82
N LEU B 207 6.35 -0.68 13.39
CA LEU B 207 7.20 -1.65 12.67
C LEU B 207 6.35 -2.84 12.21
N ARG B 208 5.20 -3.05 12.85
CA ARG B 208 4.27 -4.14 12.43
C ARG B 208 3.50 -3.68 11.19
N ARG B 209 2.93 -2.48 11.22
CA ARG B 209 2.18 -1.87 10.10
C ARG B 209 3.13 -1.60 8.92
N ALA B 210 4.45 -1.61 9.13
CA ALA B 210 5.47 -1.47 8.06
C ALA B 210 5.44 -2.70 7.14
N ARG B 211 4.90 -3.82 7.60
CA ARG B 211 5.05 -5.15 6.92
C ARG B 211 3.94 -5.39 5.88
N ALA B 212 4.29 -6.11 4.79
CA ALA B 212 3.38 -6.31 3.63
C ALA B 212 2.00 -6.73 4.14
N ALA B 213 0.98 -5.92 3.83
CA ALA B 213 -0.38 -6.01 4.44
C ALA B 213 -1.05 -7.28 3.96
N ALA B 214 -0.86 -7.66 2.70
CA ALA B 214 -1.66 -8.73 2.10
C ALA B 214 -0.97 -10.07 2.31
N LEU B 215 0.21 -10.07 2.91
CA LEU B 215 0.99 -11.32 3.14
C LEU B 215 0.89 -11.73 4.63
N ASN B 216 0.43 -10.85 5.52
CA ASN B 216 0.65 -11.12 6.97
C ASN B 216 -0.60 -11.00 7.84
N ILE B 217 -0.53 -11.67 8.99
CA ILE B 217 -1.35 -11.37 10.19
C ILE B 217 -0.50 -10.36 10.93
N VAL B 218 -0.98 -9.16 11.16
CA VAL B 218 -0.12 -8.08 11.72
C VAL B 218 -0.78 -7.61 12.99
N PRO B 219 -0.27 -8.00 14.18
CA PRO B 219 -0.72 -7.43 15.45
C PRO B 219 -0.55 -5.92 15.48
N THR B 220 -1.50 -5.19 16.02
CA THR B 220 -1.38 -3.72 16.17
C THR B 220 -2.17 -3.29 17.40
N THR B 221 -1.90 -2.09 17.91
CA THR B 221 -2.62 -1.53 19.09
C THR B 221 -4.04 -1.14 18.67
N THR B 222 -4.93 -1.01 19.65
CA THR B 222 -6.32 -0.53 19.44
C THR B 222 -6.71 0.31 20.66
N GLY B 223 -7.36 1.45 20.44
CA GLY B 223 -7.91 2.28 21.54
C GLY B 223 -9.37 1.94 21.74
N ALA B 224 -9.88 1.09 20.86
CA ALA B 224 -11.28 0.66 20.73
C ALA B 224 -11.82 0.10 22.04
N ALA B 225 -11.02 -0.63 22.82
CA ALA B 225 -11.47 -1.20 24.11
C ALA B 225 -11.67 -0.08 25.13
N LYS B 226 -10.68 0.81 25.26
CA LYS B 226 -10.73 1.89 26.28
C LYS B 226 -11.77 2.94 25.86
N ALA B 227 -11.87 3.19 24.54
CA ALA B 227 -12.78 4.16 23.88
C ALA B 227 -14.25 3.88 24.20
N VAL B 228 -14.62 2.62 24.51
CA VAL B 228 -16.00 2.23 24.87
C VAL B 228 -16.41 3.00 26.14
N SER B 229 -15.45 3.24 27.03
CA SER B 229 -15.69 3.98 28.30
C SER B 229 -16.14 5.41 28.00
N LEU B 230 -15.87 5.93 26.82
CA LEU B 230 -16.29 7.29 26.41
C LEU B 230 -17.81 7.31 26.20
N VAL B 231 -18.36 6.24 25.64
CA VAL B 231 -19.83 6.22 25.33
C VAL B 231 -20.60 5.44 26.39
N LEU B 232 -19.89 4.66 27.22
CA LEU B 232 -20.48 3.91 28.34
C LEU B 232 -19.58 4.11 29.56
N PRO B 233 -19.83 5.15 30.39
CA PRO B 233 -18.91 5.54 31.47
C PRO B 233 -18.76 4.43 32.51
N SER B 234 -19.72 3.51 32.56
CA SER B 234 -19.71 2.36 33.51
C SER B 234 -18.53 1.45 33.16
N LEU B 235 -18.06 1.50 31.93
CA LEU B 235 -17.01 0.54 31.50
C LEU B 235 -15.58 1.08 31.68
N LYS B 236 -15.39 2.18 32.42
CA LYS B 236 -14.04 2.76 32.58
C LYS B 236 -13.12 1.72 33.23
N GLY B 237 -11.95 1.48 32.62
CA GLY B 237 -10.91 0.58 33.16
C GLY B 237 -11.33 -0.89 33.12
N LYS B 238 -12.42 -1.26 32.45
CA LYS B 238 -12.86 -2.67 32.46
C LYS B 238 -12.37 -3.40 31.21
N LEU B 239 -12.11 -2.72 30.09
CA LEU B 239 -11.84 -3.44 28.82
C LEU B 239 -10.50 -3.05 28.24
N ASN B 240 -9.80 -4.05 27.73
CA ASN B 240 -8.57 -3.84 26.91
C ASN B 240 -8.61 -4.77 25.70
N GLY B 241 -7.72 -4.56 24.76
CA GLY B 241 -7.71 -5.38 23.53
C GLY B 241 -6.55 -5.07 22.61
N ILE B 242 -6.46 -5.83 21.52
CA ILE B 242 -5.46 -5.67 20.42
C ILE B 242 -6.21 -5.87 19.11
N ALA B 243 -5.52 -5.63 18.01
CA ALA B 243 -6.04 -5.90 16.66
C ALA B 243 -5.05 -6.81 15.95
N LEU B 244 -5.58 -7.77 15.20
CA LEU B 244 -4.77 -8.55 14.24
C LEU B 244 -5.24 -8.16 12.84
N ARG B 245 -4.49 -7.31 12.14
CA ARG B 245 -4.78 -6.94 10.74
C ARG B 245 -4.45 -8.14 9.87
N VAL B 246 -5.39 -8.58 9.02
CA VAL B 246 -5.24 -9.83 8.21
C VAL B 246 -5.48 -9.46 6.75
N PRO B 247 -5.14 -10.34 5.78
CA PRO B 247 -5.21 -10.00 4.35
C PRO B 247 -6.57 -10.04 3.66
N THR B 248 -7.48 -9.21 4.13
CA THR B 248 -8.81 -8.98 3.52
C THR B 248 -8.97 -7.49 3.36
N PRO B 249 -9.64 -7.00 2.28
CA PRO B 249 -9.75 -5.56 2.01
C PRO B 249 -10.83 -4.87 2.85
N THR B 250 -11.92 -5.56 3.23
CA THR B 250 -12.95 -5.02 4.15
C THR B 250 -13.68 -6.14 4.86
N VAL B 251 -14.40 -5.76 5.91
CA VAL B 251 -15.14 -6.57 6.92
C VAL B 251 -14.12 -7.01 7.97
N SER B 252 -14.50 -6.92 9.25
CA SER B 252 -13.66 -7.34 10.37
C SER B 252 -14.54 -7.99 11.44
N VAL B 253 -13.94 -8.62 12.44
CA VAL B 253 -14.77 -9.34 13.44
C VAL B 253 -14.17 -9.13 14.82
N VAL B 254 -15.01 -8.75 15.78
CA VAL B 254 -14.60 -8.51 17.19
C VAL B 254 -14.78 -9.80 17.96
N ASP B 255 -13.75 -10.20 18.68
CA ASP B 255 -13.80 -11.38 19.56
C ASP B 255 -13.69 -10.89 21.01
N LEU B 256 -14.80 -10.77 21.75
CA LEU B 256 -14.79 -10.23 23.15
C LEU B 256 -15.00 -11.34 24.19
N VAL B 257 -14.13 -11.35 25.19
CA VAL B 257 -14.22 -12.26 26.35
C VAL B 257 -14.38 -11.36 27.58
N VAL B 258 -15.52 -11.50 28.29
CA VAL B 258 -15.84 -10.65 29.46
C VAL B 258 -16.23 -11.56 30.64
N GLN B 259 -15.69 -11.31 31.82
CA GLN B 259 -16.24 -11.87 33.07
C GLN B 259 -17.43 -10.99 33.45
N VAL B 260 -18.58 -11.58 33.72
CA VAL B 260 -19.83 -10.83 34.03
C VAL B 260 -20.28 -11.17 35.47
N GLU B 261 -21.10 -10.30 36.06
CA GLU B 261 -21.59 -10.42 37.47
C GLU B 261 -22.65 -11.52 37.57
N LYS B 262 -23.57 -11.56 36.60
CA LYS B 262 -24.74 -12.48 36.65
C LYS B 262 -24.40 -13.72 35.83
N LYS B 263 -24.36 -14.90 36.49
CA LYS B 263 -24.02 -16.17 35.84
C LYS B 263 -25.06 -16.43 34.76
N THR B 264 -24.65 -16.98 33.62
CA THR B 264 -25.54 -17.02 32.42
C THR B 264 -25.13 -18.19 31.51
N PHE B 265 -25.76 -18.31 30.34
CA PHE B 265 -25.49 -19.38 29.36
C PHE B 265 -25.68 -18.82 27.95
N ALA B 266 -25.16 -19.51 26.93
CA ALA B 266 -25.08 -19.00 25.54
C ALA B 266 -26.45 -18.51 25.09
N GLU B 267 -27.49 -19.34 25.24
CA GLU B 267 -28.84 -19.04 24.68
C GLU B 267 -29.35 -17.75 25.34
N GLU B 268 -29.11 -17.60 26.63
CA GLU B 268 -29.54 -16.41 27.41
C GLU B 268 -28.83 -15.14 26.92
N VAL B 269 -27.53 -15.20 26.63
CA VAL B 269 -26.79 -14.01 26.10
C VAL B 269 -27.36 -13.65 24.72
N ASN B 270 -27.51 -14.63 23.82
CA ASN B 270 -28.01 -14.39 22.45
C ASN B 270 -29.42 -13.80 22.51
N ALA B 271 -30.29 -14.29 23.40
CA ALA B 271 -31.66 -13.75 23.56
C ALA B 271 -31.58 -12.27 23.94
N ALA B 272 -30.65 -11.89 24.82
CA ALA B 272 -30.46 -10.47 25.24
C ALA B 272 -30.08 -9.61 24.04
N PHE B 273 -29.23 -10.11 23.16
CA PHE B 273 -28.82 -9.41 21.91
C PHE B 273 -30.02 -9.30 20.97
N ARG B 274 -30.80 -10.38 20.88
CA ARG B 274 -31.96 -10.48 19.96
C ARG B 274 -33.05 -9.47 20.38
N GLU B 275 -33.24 -9.29 21.68
CA GLU B 275 -34.19 -8.30 22.23
C GLU B 275 -33.79 -6.92 21.72
N ALA B 276 -32.51 -6.59 21.85
CA ALA B 276 -31.94 -5.29 21.44
C ALA B 276 -32.03 -5.17 19.92
N ALA B 277 -31.78 -6.25 19.18
CA ALA B 277 -31.79 -6.24 17.70
C ALA B 277 -33.20 -5.90 17.19
N ASN B 278 -34.22 -6.54 17.76
CA ASN B 278 -35.63 -6.43 17.28
C ASN B 278 -36.24 -5.09 17.69
N GLY B 279 -35.74 -4.46 18.75
CA GLY B 279 -36.33 -3.21 19.27
C GLY B 279 -35.35 -2.03 19.25
N PRO B 280 -34.77 -1.63 20.40
CA PRO B 280 -34.04 -0.37 20.50
C PRO B 280 -32.82 -0.21 19.61
N MET B 281 -32.20 -1.31 19.13
CA MET B 281 -30.97 -1.16 18.30
C MET B 281 -31.23 -1.63 16.87
N LYS B 282 -32.48 -1.65 16.41
CA LYS B 282 -32.74 -2.13 15.04
C LYS B 282 -31.97 -1.26 14.05
N GLY B 283 -31.15 -1.89 13.20
CA GLY B 283 -30.30 -1.20 12.21
C GLY B 283 -28.92 -0.88 12.75
N VAL B 284 -28.70 -1.01 14.05
CA VAL B 284 -27.37 -0.81 14.69
C VAL B 284 -26.84 -2.19 15.05
N LEU B 285 -27.66 -3.01 15.73
CA LEU B 285 -27.26 -4.37 16.13
C LEU B 285 -28.15 -5.40 15.41
N HIS B 286 -27.49 -6.39 14.79
CA HIS B 286 -28.16 -7.54 14.14
C HIS B 286 -27.70 -8.80 14.86
N VAL B 287 -28.53 -9.84 14.90
CA VAL B 287 -28.09 -11.19 15.38
C VAL B 287 -28.22 -12.16 14.20
N GLU B 288 -27.09 -12.68 13.72
CA GLU B 288 -27.02 -13.59 12.54
C GLU B 288 -27.03 -15.05 13.00
N ASP B 289 -27.96 -15.86 12.47
CA ASP B 289 -28.13 -17.30 12.78
C ASP B 289 -27.47 -18.20 11.74
N ALA B 290 -27.44 -17.79 10.47
CA ALA B 290 -26.82 -18.54 9.34
C ALA B 290 -25.30 -18.62 9.55
N PRO B 291 -24.62 -19.70 9.08
CA PRO B 291 -23.17 -19.84 9.25
C PRO B 291 -22.44 -19.12 8.11
N LEU B 292 -22.20 -17.82 8.28
CA LEU B 292 -21.67 -16.99 7.19
C LEU B 292 -20.17 -16.78 7.35
N VAL B 293 -19.58 -16.10 6.37
CA VAL B 293 -18.15 -15.71 6.38
C VAL B 293 -18.04 -14.19 6.16
N SER B 294 -16.84 -13.61 6.30
CA SER B 294 -16.65 -12.14 6.36
C SER B 294 -17.31 -11.50 5.15
N ILE B 295 -17.07 -11.99 3.94
CA ILE B 295 -17.54 -11.34 2.67
C ILE B 295 -19.08 -11.17 2.65
N ASP B 296 -19.83 -12.06 3.30
CA ASP B 296 -21.31 -11.98 3.40
C ASP B 296 -21.71 -10.75 4.22
N PHE B 297 -20.81 -10.18 5.02
CA PHE B 297 -21.09 -9.02 5.90
C PHE B 297 -20.70 -7.72 5.17
N LYS B 298 -20.21 -7.85 3.93
CA LYS B 298 -19.88 -6.71 3.02
C LYS B 298 -21.13 -5.87 2.85
N CYS B 299 -21.01 -4.56 2.84
CA CYS B 299 -22.15 -3.63 2.50
CA CYS B 299 -22.15 -3.63 2.51
C CYS B 299 -23.38 -3.86 3.42
N THR B 300 -23.18 -4.35 4.68
CA THR B 300 -24.27 -4.43 5.70
C THR B 300 -24.33 -3.05 6.37
N ASP B 301 -25.53 -2.52 6.61
CA ASP B 301 -25.75 -1.17 7.23
C ASP B 301 -25.59 -1.22 8.76
N GLN B 302 -25.78 -2.40 9.36
CA GLN B 302 -25.74 -2.54 10.83
C GLN B 302 -24.30 -2.32 11.33
N SER B 303 -24.16 -1.87 12.56
CA SER B 303 -22.81 -1.69 13.15
C SER B 303 -22.24 -3.06 13.51
N THR B 304 -23.08 -3.93 14.04
CA THR B 304 -22.69 -5.18 14.71
C THR B 304 -23.57 -6.34 14.22
N SER B 305 -22.95 -7.47 13.88
CA SER B 305 -23.64 -8.72 13.48
C SER B 305 -23.15 -9.85 14.37
N ILE B 306 -23.92 -10.19 15.38
CA ILE B 306 -23.55 -11.27 16.34
C ILE B 306 -23.59 -12.59 15.59
N ASP B 307 -22.52 -13.35 15.68
CA ASP B 307 -22.49 -14.73 15.14
C ASP B 307 -23.08 -15.62 16.24
N ALA B 308 -24.37 -15.90 16.16
CA ALA B 308 -25.16 -16.46 17.29
C ALA B 308 -24.55 -17.78 17.75
N SER B 309 -24.13 -18.64 16.81
CA SER B 309 -23.61 -20.01 17.09
C SER B 309 -22.23 -19.93 17.71
N LEU B 310 -21.49 -18.83 17.54
CA LEU B 310 -20.16 -18.71 18.18
C LEU B 310 -20.29 -18.23 19.63
N THR B 311 -21.45 -17.75 20.07
CA THR B 311 -21.58 -17.28 21.47
C THR B 311 -21.28 -18.45 22.40
N MET B 312 -20.37 -18.24 23.35
CA MET B 312 -19.83 -19.29 24.23
C MET B 312 -19.88 -18.75 25.66
N VAL B 313 -20.21 -19.57 26.65
CA VAL B 313 -20.09 -19.21 28.11
C VAL B 313 -19.32 -20.33 28.80
N MET B 314 -18.22 -20.01 29.44
CA MET B 314 -17.37 -21.00 30.14
C MET B 314 -17.35 -20.65 31.64
N GLY B 315 -17.54 -21.66 32.50
CA GLY B 315 -17.47 -21.48 33.96
C GLY B 315 -18.52 -20.50 34.47
N ASP B 316 -19.62 -20.35 33.71
CA ASP B 316 -20.86 -19.62 34.08
C ASP B 316 -20.75 -18.11 33.83
N ASP B 317 -19.61 -17.45 34.11
CA ASP B 317 -19.52 -15.97 34.07
C ASP B 317 -18.42 -15.50 33.11
N MET B 318 -17.92 -16.32 32.20
CA MET B 318 -16.93 -15.82 31.20
C MET B 318 -17.59 -15.92 29.84
N VAL B 319 -17.99 -14.78 29.29
CA VAL B 319 -18.78 -14.69 28.04
C VAL B 319 -17.86 -14.32 26.88
N LYS B 320 -17.91 -15.10 25.81
CA LYS B 320 -17.20 -14.82 24.54
C LYS B 320 -18.24 -14.56 23.46
N VAL B 321 -18.16 -13.40 22.83
CA VAL B 321 -19.09 -12.97 21.75
C VAL B 321 -18.26 -12.65 20.49
N VAL B 322 -18.74 -13.09 19.35
CA VAL B 322 -18.06 -12.87 18.03
C VAL B 322 -19.01 -12.06 17.16
N ALA B 323 -18.61 -10.85 16.81
CA ALA B 323 -19.46 -9.88 16.10
C ALA B 323 -18.75 -9.39 14.83
N TRP B 324 -19.44 -9.48 13.69
CA TRP B 324 -18.91 -9.01 12.39
C TRP B 324 -19.23 -7.52 12.25
N TYR B 325 -18.45 -6.82 11.44
CA TYR B 325 -18.73 -5.43 11.04
C TYR B 325 -18.00 -5.06 9.75
N ASP B 326 -18.72 -4.44 8.83
CA ASP B 326 -18.03 -3.85 7.68
C ASP B 326 -17.43 -2.51 8.15
N ASN B 327 -16.12 -2.52 8.42
CA ASN B 327 -15.35 -1.37 8.94
C ASN B 327 -15.47 -0.16 7.98
N GLU B 328 -15.73 -0.38 6.69
CA GLU B 328 -15.95 0.75 5.75
C GLU B 328 -17.42 1.16 5.77
N TRP B 329 -18.29 0.30 5.23
CA TRP B 329 -19.71 0.64 4.90
C TRP B 329 -20.58 0.83 6.15
N GLY B 330 -20.56 -0.10 7.10
CA GLY B 330 -21.33 0.04 8.35
C GLY B 330 -20.90 1.26 9.14
N TYR B 331 -19.59 1.53 9.23
CA TYR B 331 -19.12 2.73 9.96
C TYR B 331 -19.62 4.00 9.24
N SER B 332 -19.57 3.98 7.92
CA SER B 332 -20.00 5.10 7.05
C SER B 332 -21.50 5.34 7.21
N GLN B 333 -22.31 4.29 7.39
CA GLN B 333 -23.76 4.46 7.60
C GLN B 333 -23.98 5.13 8.96
N ARG B 334 -23.14 4.84 9.96
CA ARG B 334 -23.21 5.51 11.29
C ARG B 334 -22.78 6.98 11.13
N VAL B 335 -21.81 7.26 10.29
CA VAL B 335 -21.35 8.66 10.03
C VAL B 335 -22.54 9.42 9.48
N VAL B 336 -23.23 8.84 8.49
CA VAL B 336 -24.46 9.46 7.91
C VAL B 336 -25.47 9.67 9.04
N ASP B 337 -25.65 8.66 9.90
CA ASP B 337 -26.61 8.73 11.02
C ASP B 337 -26.25 9.84 12.03
N LEU B 338 -24.97 10.03 12.39
CA LEU B 338 -24.59 11.08 13.38
C LEU B 338 -24.85 12.47 12.79
N ALA B 339 -24.44 12.69 11.55
CA ALA B 339 -24.64 13.94 10.78
C ALA B 339 -26.13 14.26 10.66
N GLU B 340 -26.96 13.23 10.46
CA GLU B 340 -28.44 13.38 10.40
C GLU B 340 -28.95 13.87 11.75
N VAL B 341 -28.41 13.33 12.84
CA VAL B 341 -28.83 13.72 14.21
C VAL B 341 -28.53 15.22 14.39
N THR B 342 -27.38 15.71 13.90
CA THR B 342 -27.06 17.15 14.04
C THR B 342 -28.04 17.95 13.19
N ALA B 343 -28.60 17.33 12.14
CA ALA B 343 -29.60 17.99 11.26
C ALA B 343 -30.89 18.19 12.05
N LYS B 344 -31.36 17.15 12.73
CA LYS B 344 -32.64 17.17 13.49
C LYS B 344 -32.48 17.97 14.79
N LYS B 345 -31.26 18.29 15.23
CA LYS B 345 -31.06 19.12 16.45
C LYS B 345 -30.48 20.47 16.07
N TRP B 346 -30.48 20.81 14.78
CA TRP B 346 -29.80 22.04 14.30
C TRP B 346 -30.55 23.28 14.80
N VAL B 347 -29.80 24.17 15.44
CA VAL B 347 -30.23 25.52 15.91
C VAL B 347 -31.60 25.39 16.61
#